data_2P91
#
_entry.id   2P91
#
_cell.length_a   72.078
_cell.length_b   119.019
_cell.length_c   119.197
_cell.angle_alpha   90.000
_cell.angle_beta   90.000
_cell.angle_gamma   90.000
#
_symmetry.space_group_name_H-M   'P 21 21 21'
#
loop_
_entity.id
_entity.type
_entity.pdbx_description
1 polymer 'Enoyl-[acyl-carrier-protein] reductase [NADH]'
2 water water
#
_entity_poly.entity_id   1
_entity_poly.type   'polypeptide(L)'
_entity_poly.pdbx_seq_one_letter_code
;MLRKLSKFSNKGEVFMGLLEGKRALITGVANERSIAYGIAKSFHREGAQLAFTYATPKLEKRVREIAKGFGSDLVVKCDV
SLDEDIKNLKKFLEENWGSLDIIVHSIAYAPKEEFKGGVIDTSREGFKIAMDISVYSLIALTRELLPLMEGRNGAIVTLS
YYGAEKVVPHYNVMGIAKAALESTVRYLAYDIAKHGHRINAISAGPVKTLAAYSITGFHLLMEHTTKVNPFGKPITIEDV
GDTAVFLCSDWARAITGEVVHVDNGYHIMGVFGREEEIKKEVYGD
;
_entity_poly.pdbx_strand_id   A,B,C,D
#
# COMPACT_ATOMS: atom_id res chain seq x y z
N GLY A 17 28.68 21.36 -3.66
CA GLY A 17 27.28 20.94 -3.42
C GLY A 17 26.85 19.85 -4.37
N LEU A 18 25.83 19.09 -3.95
CA LEU A 18 25.26 18.01 -4.74
C LEU A 18 24.58 18.46 -6.01
N LEU A 19 24.21 19.73 -6.07
CA LEU A 19 23.50 20.30 -7.22
C LEU A 19 24.34 21.35 -7.99
N GLU A 20 25.66 21.27 -7.84
CA GLU A 20 26.56 22.19 -8.55
C GLU A 20 26.30 22.15 -10.04
N GLY A 21 26.08 23.32 -10.64
CA GLY A 21 25.83 23.43 -12.08
C GLY A 21 24.45 22.96 -12.56
N LYS A 22 23.54 22.67 -11.63
CA LYS A 22 22.18 22.32 -11.99
C LYS A 22 21.31 23.57 -11.98
N ARG A 23 20.36 23.61 -12.89
CA ARG A 23 19.40 24.68 -12.97
C ARG A 23 18.02 24.17 -12.64
N ALA A 24 17.38 24.78 -11.65
CA ALA A 24 16.11 24.29 -11.10
C ALA A 24 15.02 25.36 -11.14
N LEU A 25 13.87 24.98 -11.69
CA LEU A 25 12.68 25.82 -11.65
C LEU A 25 11.93 25.51 -10.36
N ILE A 26 11.69 26.55 -9.58
CA ILE A 26 10.93 26.44 -8.35
C ILE A 26 9.54 27.03 -8.54
N THR A 27 8.52 26.19 -8.48
CA THR A 27 7.15 26.67 -8.47
C THR A 27 6.61 26.69 -7.05
N GLY A 28 5.62 27.54 -6.78
CA GLY A 28 4.87 27.47 -5.53
C GLY A 28 5.38 28.24 -4.32
N VAL A 29 6.33 29.16 -4.52
CA VAL A 29 6.77 30.03 -3.43
C VAL A 29 5.74 31.16 -3.28
N ALA A 30 5.17 31.28 -2.09
CA ALA A 30 4.34 32.44 -1.76
C ALA A 30 5.05 33.32 -0.72
N ASN A 31 5.67 32.68 0.27
CA ASN A 31 6.46 33.39 1.29
C ASN A 31 7.55 32.46 1.83
N GLU A 32 8.17 32.85 2.94
CA GLU A 32 9.28 32.08 3.48
C GLU A 32 8.83 30.87 4.32
N ARG A 33 7.52 30.68 4.47
CA ARG A 33 6.99 29.50 5.13
C ARG A 33 6.60 28.40 4.13
N SER A 34 6.54 28.75 2.84
CA SER A 34 6.16 27.84 1.76
C SER A 34 7.10 26.64 1.72
N ILE A 35 6.55 25.46 1.47
CA ILE A 35 7.39 24.28 1.26
C ILE A 35 8.43 24.54 0.16
N ALA A 36 8.04 25.21 -0.91
CA ALA A 36 8.95 25.48 -2.03
C ALA A 36 10.12 26.39 -1.63
N TYR A 37 9.91 27.22 -0.61
CA TYR A 37 10.97 28.06 -0.07
C TYR A 37 12.04 27.20 0.61
N GLY A 38 11.60 26.23 1.43
CA GLY A 38 12.52 25.25 2.02
C GLY A 38 13.33 24.52 0.95
N ILE A 39 12.66 24.13 -0.12
CA ILE A 39 13.34 23.46 -1.24
C ILE A 39 14.36 24.39 -1.91
N ALA A 40 13.96 25.65 -2.19
CA ALA A 40 14.89 26.65 -2.75
C ALA A 40 16.11 26.83 -1.85
N LYS A 41 15.88 26.98 -0.55
CA LYS A 41 16.96 27.13 0.43
C LYS A 41 17.97 25.98 0.39
N SER A 42 17.50 24.73 0.42
CA SER A 42 18.39 23.57 0.33
C SER A 42 19.13 23.52 -1.01
N PHE A 43 18.40 23.79 -2.10
CA PHE A 43 18.95 23.79 -3.47
C PHE A 43 20.06 24.84 -3.60
N HIS A 44 19.81 26.02 -3.02
CA HIS A 44 20.80 27.10 -3.04
C HIS A 44 22.08 26.70 -2.27
N ARG A 45 21.92 26.22 -1.04
CA ARG A 45 23.03 25.67 -0.26
C ARG A 45 23.85 24.70 -1.08
N GLU A 46 23.17 23.88 -1.88
CA GLU A 46 23.83 22.83 -2.62
C GLU A 46 24.28 23.22 -4.04
N GLY A 47 24.25 24.50 -4.36
CA GLY A 47 24.91 25.02 -5.58
C GLY A 47 24.05 25.11 -6.84
N ALA A 48 22.74 24.90 -6.67
CA ALA A 48 21.81 25.04 -7.79
C ALA A 48 21.59 26.52 -8.14
N GLN A 49 21.46 26.80 -9.43
CA GLN A 49 20.94 28.08 -9.93
C GLN A 49 19.42 28.00 -9.96
N LEU A 50 18.73 29.07 -9.56
CA LEU A 50 17.28 29.01 -9.41
C LEU A 50 16.51 29.99 -10.28
N ALA A 51 15.32 29.56 -10.71
CA ALA A 51 14.29 30.43 -11.30
C ALA A 51 12.96 30.14 -10.60
N PHE A 52 12.11 31.15 -10.48
CA PHE A 52 10.87 31.05 -9.70
C PHE A 52 9.67 31.48 -10.53
N THR A 53 8.55 30.80 -10.34
CA THR A 53 7.26 31.32 -10.81
C THR A 53 6.54 31.99 -9.64
N TYR A 54 5.65 32.93 -9.95
CA TYR A 54 4.70 33.41 -8.95
C TYR A 54 3.30 33.32 -9.56
N ALA A 55 2.33 32.90 -8.74
CA ALA A 55 1.00 32.51 -9.22
C ALA A 55 0.12 33.69 -9.64
N THR A 56 0.16 34.76 -8.85
CA THR A 56 -0.69 35.94 -9.08
C THR A 56 0.10 37.24 -8.95
N PRO A 57 -0.35 38.32 -9.62
CA PRO A 57 0.35 39.60 -9.55
C PRO A 57 0.70 40.08 -8.13
N LYS A 58 -0.16 39.78 -7.15
CA LYS A 58 0.05 40.25 -5.77
C LYS A 58 1.27 39.62 -5.08
N LEU A 59 1.71 38.47 -5.58
CA LEU A 59 2.86 37.76 -5.00
C LEU A 59 4.19 38.19 -5.61
N GLU A 60 4.15 38.96 -6.70
CA GLU A 60 5.36 39.31 -7.44
C GLU A 60 6.49 39.87 -6.59
N LYS A 61 6.17 40.89 -5.79
CA LYS A 61 7.17 41.60 -4.98
C LYS A 61 7.87 40.63 -4.02
N ARG A 62 7.06 39.87 -3.27
CA ARG A 62 7.53 38.88 -2.31
C ARG A 62 8.48 37.87 -2.92
N VAL A 63 8.07 37.31 -4.05
CA VAL A 63 8.84 36.27 -4.73
C VAL A 63 10.13 36.83 -5.35
N ARG A 64 10.06 38.06 -5.87
CA ARG A 64 11.27 38.72 -6.40
C ARG A 64 12.30 38.97 -5.30
N GLU A 65 11.82 39.34 -4.11
CA GLU A 65 12.71 39.59 -2.96
C GLU A 65 13.35 38.30 -2.47
N ILE A 66 12.55 37.23 -2.41
CA ILE A 66 13.03 35.90 -2.06
C ILE A 66 14.07 35.36 -3.06
N ALA A 67 13.80 35.51 -4.35
CA ALA A 67 14.77 35.14 -5.39
C ALA A 67 16.08 35.92 -5.23
N LYS A 68 15.96 37.23 -5.04
CA LYS A 68 17.11 38.12 -4.80
C LYS A 68 18.00 37.59 -3.68
N GLY A 69 17.37 37.25 -2.54
CA GLY A 69 18.05 36.62 -1.40
C GLY A 69 18.90 35.40 -1.74
N PHE A 70 18.49 34.65 -2.76
CA PHE A 70 19.22 33.47 -3.21
C PHE A 70 20.17 33.78 -4.36
N GLY A 71 20.28 35.05 -4.74
CA GLY A 71 21.14 35.47 -5.85
C GLY A 71 20.52 35.23 -7.22
N SER A 72 19.19 35.11 -7.27
CA SER A 72 18.48 34.87 -8.52
C SER A 72 17.75 36.11 -9.02
N ASP A 73 17.86 36.38 -10.32
CA ASP A 73 17.08 37.44 -10.93
C ASP A 73 15.94 36.91 -11.83
N LEU A 74 15.65 35.62 -11.72
CA LEU A 74 14.70 34.98 -12.64
C LEU A 74 13.38 34.65 -11.97
N VAL A 75 12.41 35.53 -12.15
CA VAL A 75 11.09 35.38 -11.57
C VAL A 75 10.12 35.68 -12.69
N VAL A 76 9.07 34.88 -12.82
CA VAL A 76 8.10 35.07 -13.90
C VAL A 76 6.69 34.66 -13.41
N LYS A 77 5.68 35.40 -13.84
CA LYS A 77 4.30 35.08 -13.47
C LYS A 77 3.88 33.85 -14.24
N CYS A 78 3.28 32.89 -13.54
CA CYS A 78 2.74 31.72 -14.19
C CYS A 78 1.52 31.21 -13.42
N ASP A 79 0.35 31.47 -13.98
CA ASP A 79 -0.89 30.88 -13.48
C ASP A 79 -1.10 29.56 -14.25
N VAL A 80 -0.91 28.41 -13.58
CA VAL A 80 -0.91 27.11 -14.28
C VAL A 80 -2.28 26.66 -14.86
N SER A 81 -3.33 27.39 -14.53
CA SER A 81 -4.63 27.14 -15.14
C SER A 81 -4.66 27.61 -16.59
N LEU A 82 -3.63 28.38 -16.98
CA LEU A 82 -3.56 28.97 -18.31
C LEU A 82 -2.50 28.34 -19.20
N ASP A 83 -2.93 27.82 -20.34
CA ASP A 83 -1.99 27.24 -21.29
C ASP A 83 -0.94 28.25 -21.75
N GLU A 84 -1.38 29.50 -21.93
CA GLU A 84 -0.50 30.57 -22.43
C GLU A 84 0.59 30.94 -21.43
N ASP A 85 0.26 30.89 -20.14
CA ASP A 85 1.26 31.10 -19.08
C ASP A 85 2.34 30.00 -19.06
N ILE A 86 1.94 28.76 -19.33
CA ILE A 86 2.89 27.64 -19.38
C ILE A 86 3.81 27.79 -20.61
N LYS A 87 3.21 28.16 -21.75
CA LYS A 87 3.96 28.47 -22.97
C LYS A 87 4.96 29.62 -22.74
N ASN A 88 4.50 30.69 -22.10
CA ASN A 88 5.36 31.82 -21.82
C ASN A 88 6.47 31.49 -20.81
N LEU A 89 6.16 30.60 -19.87
CA LEU A 89 7.16 30.08 -18.94
C LEU A 89 8.29 29.41 -19.70
N LYS A 90 7.94 28.54 -20.65
CA LYS A 90 8.93 27.90 -21.50
C LYS A 90 9.77 28.93 -22.26
N LYS A 91 9.10 29.92 -22.84
CA LYS A 91 9.78 30.99 -23.58
C LYS A 91 10.75 31.75 -22.70
N PHE A 92 10.32 32.07 -21.48
CA PHE A 92 11.16 32.70 -20.47
C PHE A 92 12.41 31.88 -20.13
N LEU A 93 12.25 30.56 -19.93
CA LEU A 93 13.40 29.70 -19.61
C LEU A 93 14.34 29.50 -20.81
N GLU A 94 13.78 29.38 -22.01
CA GLU A 94 14.59 29.33 -23.24
C GLU A 94 15.50 30.56 -23.40
N GLU A 95 14.96 31.73 -23.04
CA GLU A 95 15.70 33.01 -23.17
C GLU A 95 16.75 33.23 -22.09
N ASN A 96 16.48 32.73 -20.89
CA ASN A 96 17.32 33.01 -19.75
C ASN A 96 18.25 31.87 -19.34
N TRP A 97 17.98 30.67 -19.81
CA TRP A 97 18.82 29.50 -19.48
C TRP A 97 19.13 28.64 -20.70
N GLY A 98 18.10 28.31 -21.48
CA GLY A 98 18.27 27.49 -22.68
C GLY A 98 18.54 26.02 -22.40
N SER A 99 18.55 25.66 -21.12
CA SER A 99 18.57 24.27 -20.67
C SER A 99 18.07 24.26 -19.24
N LEU A 100 17.65 23.09 -18.77
CA LEU A 100 17.00 22.97 -17.48
C LEU A 100 17.31 21.57 -16.94
N ASP A 101 17.59 21.49 -15.64
CA ASP A 101 17.86 20.19 -15.00
C ASP A 101 16.71 19.71 -14.10
N ILE A 102 16.11 20.65 -13.35
CA ILE A 102 15.15 20.27 -12.31
C ILE A 102 13.85 21.06 -12.40
N ILE A 103 12.72 20.39 -12.19
CA ILE A 103 11.46 21.08 -11.94
C ILE A 103 10.97 20.69 -10.56
N VAL A 104 10.71 21.70 -9.72
CA VAL A 104 10.05 21.53 -8.44
C VAL A 104 8.59 21.96 -8.60
N HIS A 105 7.70 20.97 -8.51
CA HIS A 105 6.27 21.20 -8.66
C HIS A 105 5.63 21.22 -7.26
N SER A 106 5.33 22.41 -6.78
CA SER A 106 4.76 22.58 -5.44
C SER A 106 3.49 23.41 -5.59
N ILE A 107 2.47 22.85 -6.24
CA ILE A 107 1.26 23.59 -6.60
C ILE A 107 0.06 22.75 -6.18
N ALA A 108 -0.76 23.28 -5.28
CA ALA A 108 -1.98 22.60 -4.83
C ALA A 108 -3.00 23.65 -4.43
N TYR A 109 -4.21 23.52 -4.94
CA TYR A 109 -5.30 24.41 -4.53
C TYR A 109 -6.66 23.74 -4.73
N ALA A 110 -7.57 24.02 -3.80
CA ALA A 110 -8.99 23.82 -4.02
C ALA A 110 -9.71 24.98 -3.32
N PRO A 111 -10.88 25.39 -3.85
CA PRO A 111 -11.63 26.42 -3.11
C PRO A 111 -11.85 26.03 -1.66
N LYS A 112 -11.75 27.02 -0.76
CA LYS A 112 -11.80 26.81 0.69
C LYS A 112 -13.04 26.02 1.12
N GLU A 113 -14.14 26.27 0.43
CA GLU A 113 -15.43 25.63 0.77
C GLU A 113 -15.35 24.11 0.71
N GLU A 114 -14.50 23.60 -0.19
CA GLU A 114 -14.40 22.15 -0.40
C GLU A 114 -13.88 21.40 0.82
N PHE A 115 -13.18 22.12 1.72
CA PHE A 115 -12.64 21.48 2.92
C PHE A 115 -13.62 21.47 4.11
N LYS A 116 -14.76 22.14 3.94
CA LYS A 116 -15.72 22.35 5.04
C LYS A 116 -16.46 21.12 5.57
N GLY A 117 -17.01 20.31 4.67
CA GLY A 117 -17.71 19.08 5.09
C GLY A 117 -16.89 17.85 4.79
N GLY A 118 -17.48 16.92 4.04
CA GLY A 118 -16.78 15.71 3.63
C GLY A 118 -16.65 15.73 2.12
N VAL A 119 -15.98 14.72 1.57
CA VAL A 119 -15.89 14.56 0.10
C VAL A 119 -17.28 14.52 -0.56
N ILE A 120 -18.26 13.97 0.15
CA ILE A 120 -19.64 13.90 -0.33
C ILE A 120 -20.19 15.28 -0.68
N ASP A 121 -19.65 16.32 -0.06
CA ASP A 121 -20.12 17.70 -0.23
C ASP A 121 -19.38 18.47 -1.32
N THR A 122 -18.39 17.84 -1.95
CA THR A 122 -17.58 18.48 -3.01
C THR A 122 -18.43 18.97 -4.18
N SER A 123 -18.21 20.23 -4.57
CA SER A 123 -18.89 20.79 -5.72
C SER A 123 -18.18 20.35 -7.02
N ARG A 124 -18.95 20.21 -8.10
CA ARG A 124 -18.36 19.84 -9.39
C ARG A 124 -17.29 20.82 -9.83
N GLU A 125 -17.54 22.11 -9.68
CA GLU A 125 -16.58 23.11 -10.08
C GLU A 125 -15.31 23.10 -9.22
N GLY A 126 -15.49 22.97 -7.90
CA GLY A 126 -14.34 22.87 -6.98
C GLY A 126 -13.48 21.66 -7.26
N PHE A 127 -14.12 20.56 -7.64
CA PHE A 127 -13.43 19.32 -8.02
C PHE A 127 -12.59 19.54 -9.26
N LYS A 128 -13.21 20.15 -10.27
CA LYS A 128 -12.52 20.44 -11.53
C LYS A 128 -11.29 21.33 -11.32
N ILE A 129 -11.46 22.41 -10.56
CA ILE A 129 -10.35 23.32 -10.21
C ILE A 129 -9.24 22.57 -9.46
N ALA A 130 -9.62 21.80 -8.44
CA ALA A 130 -8.62 21.07 -7.65
C ALA A 130 -7.76 20.14 -8.50
N MET A 131 -8.39 19.34 -9.35
CA MET A 131 -7.69 18.39 -10.21
C MET A 131 -6.82 19.11 -11.26
N ASP A 132 -7.37 20.15 -11.87
CA ASP A 132 -6.64 20.96 -12.85
C ASP A 132 -5.36 21.57 -12.26
N ILE A 133 -5.49 22.31 -11.17
CA ILE A 133 -4.36 23.04 -10.60
C ILE A 133 -3.38 22.09 -9.90
N SER A 134 -3.92 21.09 -9.20
CA SER A 134 -3.10 20.27 -8.31
C SER A 134 -2.47 19.07 -9.02
N VAL A 135 -3.04 18.67 -10.16
CA VAL A 135 -2.61 17.46 -10.82
C VAL A 135 -2.25 17.75 -12.27
N TYR A 136 -3.20 18.26 -13.04
CA TYR A 136 -2.94 18.50 -14.46
C TYR A 136 -1.73 19.42 -14.68
N SER A 137 -1.54 20.40 -13.81
CA SER A 137 -0.39 21.32 -13.91
C SER A 137 0.95 20.58 -14.02
N LEU A 138 1.09 19.45 -13.33
CA LEU A 138 2.33 18.65 -13.43
C LEU A 138 2.55 18.12 -14.84
N ILE A 139 1.49 17.60 -15.45
CA ILE A 139 1.56 17.09 -16.81
C ILE A 139 1.91 18.24 -17.78
N ALA A 140 1.19 19.35 -17.67
CA ALA A 140 1.43 20.52 -18.52
C ALA A 140 2.89 20.99 -18.43
N LEU A 141 3.38 21.23 -17.22
CA LEU A 141 4.76 21.66 -17.02
C LEU A 141 5.80 20.64 -17.52
N THR A 142 5.57 19.36 -17.26
CA THR A 142 6.50 18.31 -17.68
C THR A 142 6.60 18.24 -19.22
N ARG A 143 5.45 18.21 -19.88
CA ARG A 143 5.39 18.19 -21.33
C ARG A 143 6.04 19.43 -21.96
N GLU A 144 5.67 20.60 -21.44
CA GLU A 144 6.15 21.86 -22.03
C GLU A 144 7.65 22.05 -21.84
N LEU A 145 8.17 21.67 -20.68
CA LEU A 145 9.57 21.96 -20.34
C LEU A 145 10.57 20.85 -20.66
N LEU A 146 10.08 19.66 -21.00
CA LEU A 146 10.97 18.52 -21.27
C LEU A 146 12.05 18.77 -22.34
N PRO A 147 11.70 19.45 -23.46
CA PRO A 147 12.72 19.78 -24.45
C PRO A 147 13.93 20.56 -23.88
N LEU A 148 13.68 21.44 -22.92
CA LEU A 148 14.77 22.21 -22.30
C LEU A 148 15.73 21.31 -21.49
N MET A 149 15.25 20.12 -21.14
CA MET A 149 16.03 19.17 -20.36
C MET A 149 16.80 18.18 -21.24
N GLU A 150 16.62 18.28 -22.55
CA GLU A 150 17.22 17.30 -23.46
C GLU A 150 18.74 17.28 -23.28
N GLY A 151 19.29 16.09 -23.14
CA GLY A 151 20.74 15.91 -22.98
C GLY A 151 21.24 16.07 -21.56
N ARG A 152 20.32 16.44 -20.67
CA ARG A 152 20.62 16.61 -19.25
C ARG A 152 20.11 15.36 -18.53
N ASN A 153 20.57 15.12 -17.32
CA ASN A 153 19.96 14.01 -16.57
C ASN A 153 18.92 14.61 -15.65
N GLY A 154 17.77 14.92 -16.22
CA GLY A 154 16.78 15.72 -15.52
C GLY A 154 16.08 15.01 -14.39
N ALA A 155 15.55 15.81 -13.47
CA ALA A 155 14.78 15.30 -12.34
C ALA A 155 13.61 16.23 -12.05
N ILE A 156 12.46 15.65 -11.74
CA ILE A 156 11.28 16.41 -11.37
C ILE A 156 10.85 15.91 -10.00
N VAL A 157 10.41 16.82 -9.13
CA VAL A 157 9.87 16.43 -7.83
C VAL A 157 8.54 17.17 -7.59
N THR A 158 7.54 16.43 -7.13
CA THR A 158 6.26 17.03 -6.75
C THR A 158 5.98 16.74 -5.27
N LEU A 159 5.01 17.45 -4.72
CA LEU A 159 4.67 17.28 -3.31
C LEU A 159 3.34 16.58 -3.17
N SER A 160 3.30 15.54 -2.33
CA SER A 160 2.03 14.86 -2.04
C SER A 160 1.78 14.84 -0.54
N TYR A 161 0.74 14.11 -0.12
CA TYR A 161 0.38 14.01 1.29
C TYR A 161 -0.34 12.69 1.54
N TYR A 162 -0.18 12.15 2.75
CA TYR A 162 -0.76 10.88 3.19
C TYR A 162 -2.27 10.76 2.97
N GLY A 163 -2.93 11.91 2.83
CA GLY A 163 -4.35 11.97 2.49
C GLY A 163 -4.63 11.35 1.13
N ALA A 164 -3.60 11.13 0.33
CA ALA A 164 -3.69 10.38 -0.94
C ALA A 164 -3.96 8.89 -0.72
N GLU A 165 -3.47 8.37 0.42
CA GLU A 165 -3.47 6.93 0.74
C GLU A 165 -4.56 6.54 1.73
N LYS A 166 -4.88 7.47 2.64
CA LYS A 166 -5.82 7.20 3.72
C LYS A 166 -6.74 8.40 3.85
N VAL A 167 -7.80 8.24 4.64
CA VAL A 167 -8.76 9.31 4.86
C VAL A 167 -8.24 10.25 5.94
N VAL A 168 -8.00 11.50 5.56
CA VAL A 168 -7.72 12.57 6.51
C VAL A 168 -8.94 13.50 6.43
N PRO A 169 -9.81 13.44 7.45
CA PRO A 169 -11.02 14.25 7.39
C PRO A 169 -10.70 15.73 7.10
N HIS A 170 -11.54 16.33 6.28
CA HIS A 170 -11.41 17.73 5.83
C HIS A 170 -10.33 17.96 4.77
N TYR A 171 -9.44 16.99 4.56
CA TYR A 171 -8.49 17.11 3.43
C TYR A 171 -9.26 16.91 2.12
N ASN A 172 -10.27 16.02 2.17
CA ASN A 172 -11.33 15.93 1.17
C ASN A 172 -10.84 15.80 -0.28
N VAL A 173 -11.31 16.69 -1.15
CA VAL A 173 -10.97 16.63 -2.58
C VAL A 173 -9.46 16.63 -2.81
N MET A 174 -8.69 17.22 -1.90
CA MET A 174 -7.21 17.20 -2.04
C MET A 174 -6.63 15.77 -1.87
N GLY A 175 -7.33 14.93 -1.12
CA GLY A 175 -6.89 13.53 -0.98
C GLY A 175 -7.13 12.76 -2.27
N ILE A 176 -8.20 13.12 -2.97
CA ILE A 176 -8.47 12.60 -4.29
C ILE A 176 -7.39 13.10 -5.27
N ALA A 177 -7.19 14.42 -5.29
CA ALA A 177 -6.14 15.04 -6.10
C ALA A 177 -4.76 14.40 -5.87
N LYS A 178 -4.35 14.22 -4.61
CA LYS A 178 -3.01 13.68 -4.34
C LYS A 178 -2.84 12.23 -4.78
N ALA A 179 -3.90 11.43 -4.66
CA ALA A 179 -3.88 10.07 -5.16
C ALA A 179 -3.72 10.06 -6.69
N ALA A 180 -4.44 10.93 -7.38
CA ALA A 180 -4.25 11.14 -8.83
C ALA A 180 -2.82 11.62 -9.14
N LEU A 181 -2.30 12.51 -8.32
CA LEU A 181 -0.94 13.01 -8.51
C LEU A 181 0.08 11.88 -8.45
N GLU A 182 -0.06 10.99 -7.45
CA GLU A 182 0.93 9.94 -7.27
C GLU A 182 0.90 8.95 -8.45
N SER A 183 -0.30 8.66 -8.96
CA SER A 183 -0.45 7.87 -10.16
C SER A 183 0.17 8.58 -11.38
N THR A 184 -0.06 9.90 -11.46
CA THR A 184 0.49 10.73 -12.54
C THR A 184 2.03 10.63 -12.56
N VAL A 185 2.63 10.68 -11.37
CA VAL A 185 4.08 10.51 -11.21
C VAL A 185 4.59 9.18 -11.82
N ARG A 186 3.89 8.07 -11.53
CA ARG A 186 4.23 6.75 -12.08
C ARG A 186 4.21 6.77 -13.61
N TYR A 187 3.10 7.25 -14.18
CA TYR A 187 2.96 7.27 -15.64
C TYR A 187 4.00 8.19 -16.30
N LEU A 188 4.23 9.36 -15.71
CA LEU A 188 5.24 10.28 -16.22
C LEU A 188 6.66 9.67 -16.14
N ALA A 189 6.94 8.92 -15.07
CA ALA A 189 8.24 8.24 -14.95
C ALA A 189 8.50 7.35 -16.17
N TYR A 190 7.46 6.58 -16.52
CA TYR A 190 7.47 5.73 -17.70
C TYR A 190 7.72 6.56 -18.97
N ASP A 191 7.00 7.66 -19.12
CA ASP A 191 7.12 8.53 -20.30
C ASP A 191 8.51 9.15 -20.45
N ILE A 192 9.05 9.67 -19.36
CA ILE A 192 10.26 10.51 -19.45
C ILE A 192 11.59 9.74 -19.32
N ALA A 193 11.51 8.47 -18.91
CA ALA A 193 12.69 7.61 -18.77
C ALA A 193 13.46 7.47 -20.09
N LYS A 194 12.72 7.35 -21.19
CA LYS A 194 13.33 7.23 -22.50
C LYS A 194 13.99 8.52 -23.00
N HIS A 195 13.92 9.58 -22.18
CA HIS A 195 14.62 10.82 -22.43
C HIS A 195 15.72 11.05 -21.42
N GLY A 196 15.88 10.09 -20.51
CA GLY A 196 16.94 10.11 -19.50
C GLY A 196 16.57 10.85 -18.23
N HIS A 197 15.27 11.07 -18.03
CA HIS A 197 14.79 11.85 -16.91
C HIS A 197 14.07 11.01 -15.84
N ARG A 198 13.99 11.55 -14.63
CA ARG A 198 13.33 10.90 -13.50
C ARG A 198 12.31 11.84 -12.88
N ILE A 199 11.31 11.27 -12.22
CA ILE A 199 10.29 12.05 -11.50
C ILE A 199 9.84 11.28 -10.28
N ASN A 200 9.76 11.99 -9.16
CA ASN A 200 9.38 11.39 -7.88
C ASN A 200 8.44 12.32 -7.12
N ALA A 201 7.78 11.79 -6.08
CA ALA A 201 6.99 12.61 -5.17
C ALA A 201 7.56 12.57 -3.76
N ILE A 202 7.50 13.69 -3.07
CA ILE A 202 7.70 13.71 -1.63
C ILE A 202 6.34 13.82 -0.96
N SER A 203 5.98 12.79 -0.22
CA SER A 203 4.75 12.83 0.58
C SER A 203 5.14 13.47 1.91
N ALA A 204 4.92 14.78 2.00
CA ALA A 204 5.32 15.58 3.15
C ALA A 204 4.23 15.57 4.22
N GLY A 205 4.63 15.60 5.48
CA GLY A 205 3.70 15.77 6.57
C GLY A 205 3.23 17.23 6.63
N PRO A 206 2.26 17.53 7.51
CA PRO A 206 1.69 18.88 7.65
C PRO A 206 2.75 19.89 8.07
N VAL A 207 2.67 21.07 7.46
CA VAL A 207 3.49 22.24 7.77
C VAL A 207 2.53 23.44 7.79
N LYS A 208 2.71 24.35 8.73
CA LYS A 208 1.87 25.54 8.79
C LYS A 208 2.33 26.52 7.70
N THR A 209 1.62 26.53 6.59
CA THR A 209 1.94 27.39 5.46
C THR A 209 0.76 28.33 5.19
N LEU A 210 0.99 29.34 4.35
CA LEU A 210 -0.09 30.21 3.87
C LEU A 210 -1.23 29.38 3.26
N ALA A 211 -0.87 28.34 2.51
CA ALA A 211 -1.84 27.51 1.81
C ALA A 211 -2.60 26.53 2.70
N ALA A 212 -1.94 26.05 3.76
CA ALA A 212 -2.52 25.05 4.68
C ALA A 212 -3.30 25.69 5.82
N ILE A 215 -7.18 26.38 6.14
CA ILE A 215 -8.00 25.24 5.73
C ILE A 215 -8.76 24.65 6.91
N THR A 216 -9.96 24.16 6.66
CA THR A 216 -10.76 23.71 7.80
C THR A 216 -10.03 22.62 8.61
N GLY A 217 -9.97 22.83 9.92
CA GLY A 217 -9.41 21.85 10.84
C GLY A 217 -7.90 21.68 10.78
N PHE A 218 -7.20 22.64 10.18
CA PHE A 218 -5.74 22.56 10.10
C PHE A 218 -5.06 22.39 11.46
N HIS A 219 -5.43 23.21 12.44
CA HIS A 219 -4.77 23.18 13.74
C HIS A 219 -4.88 21.79 14.35
N LEU A 220 -6.08 21.21 14.28
CA LEU A 220 -6.31 19.91 14.87
C LEU A 220 -5.58 18.81 14.10
N LEU A 221 -5.51 18.93 12.78
CA LEU A 221 -4.73 17.99 11.97
C LEU A 221 -3.28 18.04 12.40
N MET A 222 -2.74 19.26 12.50
CA MET A 222 -1.35 19.47 12.85
C MET A 222 -1.05 18.87 14.24
N GLU A 223 -1.88 19.22 15.21
CA GLU A 223 -1.77 18.68 16.57
C GLU A 223 -1.83 17.15 16.57
N HIS A 224 -2.83 16.59 15.88
CA HIS A 224 -3.03 15.14 15.90
C HIS A 224 -1.88 14.40 15.25
N THR A 225 -1.42 14.91 14.12
CA THR A 225 -0.28 14.33 13.43
C THR A 225 0.99 14.35 14.29
N THR A 226 1.24 15.49 14.95
CA THR A 226 2.37 15.64 15.86
C THR A 226 2.31 14.65 17.04
N LYS A 227 1.13 14.46 17.59
CA LYS A 227 0.97 13.53 18.73
C LYS A 227 1.20 12.07 18.32
N VAL A 228 0.78 11.73 17.12
CA VAL A 228 0.76 10.34 16.66
C VAL A 228 2.08 9.86 16.04
N ASN A 229 2.77 10.72 15.30
CA ASN A 229 4.02 10.29 14.64
C ASN A 229 5.09 9.90 15.66
N PRO A 230 5.92 8.88 15.35
CA PRO A 230 6.87 8.36 16.34
C PRO A 230 7.86 9.38 16.92
N PHE A 231 8.09 10.51 16.26
CA PHE A 231 8.98 11.53 16.84
C PHE A 231 8.27 12.61 17.67
N GLY A 232 6.94 12.64 17.63
CA GLY A 232 6.19 13.64 18.39
C GLY A 232 6.56 15.06 18.00
N LYS A 233 6.83 15.27 16.71
CA LYS A 233 7.06 16.61 16.19
C LYS A 233 6.75 16.69 14.69
N PRO A 234 6.35 17.88 14.20
CA PRO A 234 6.10 18.01 12.78
C PRO A 234 7.39 18.08 12.00
N ILE A 235 7.30 17.87 10.69
CA ILE A 235 8.42 18.12 9.80
C ILE A 235 8.60 19.62 9.54
N THR A 236 9.72 19.98 8.93
CA THR A 236 9.95 21.38 8.55
C THR A 236 10.13 21.45 7.06
N ILE A 237 10.03 22.66 6.52
CA ILE A 237 10.25 22.84 5.08
C ILE A 237 11.68 22.45 4.68
N GLU A 238 12.63 22.57 5.62
CA GLU A 238 14.03 22.17 5.38
C GLU A 238 14.19 20.65 5.26
N ASP A 239 13.38 19.88 6.01
CA ASP A 239 13.36 18.42 5.87
C ASP A 239 12.98 18.05 4.45
N VAL A 240 11.98 18.73 3.92
CA VAL A 240 11.54 18.51 2.54
C VAL A 240 12.63 18.92 1.56
N GLY A 241 13.24 20.08 1.81
CA GLY A 241 14.30 20.60 0.94
C GLY A 241 15.48 19.65 0.81
N ASP A 242 15.95 19.12 1.92
CA ASP A 242 17.10 18.23 1.91
C ASP A 242 16.81 16.91 1.19
N THR A 243 15.57 16.42 1.32
CA THR A 243 15.12 15.22 0.59
C THR A 243 15.04 15.50 -0.90
N ALA A 244 14.51 16.67 -1.25
CA ALA A 244 14.39 17.11 -2.64
C ALA A 244 15.76 17.22 -3.31
N VAL A 245 16.75 17.72 -2.57
CA VAL A 245 18.12 17.78 -3.09
C VAL A 245 18.58 16.39 -3.49
N PHE A 246 18.49 15.43 -2.56
CA PHE A 246 18.87 14.06 -2.88
C PHE A 246 18.16 13.55 -4.12
N LEU A 247 16.82 13.63 -4.12
CA LEU A 247 15.99 13.09 -5.17
C LEU A 247 16.25 13.75 -6.52
N CYS A 248 16.64 15.02 -6.50
CA CYS A 248 16.95 15.72 -7.75
C CYS A 248 18.43 15.71 -8.13
N SER A 249 19.23 14.93 -7.40
CA SER A 249 20.67 14.83 -7.66
C SER A 249 20.98 13.54 -8.39
N ASP A 250 22.20 13.43 -8.90
CA ASP A 250 22.60 12.21 -9.59
C ASP A 250 22.84 11.03 -8.61
N TRP A 251 22.84 11.28 -7.31
CA TRP A 251 22.89 10.17 -6.34
C TRP A 251 21.65 9.30 -6.44
N ALA A 252 20.52 9.91 -6.84
CA ALA A 252 19.23 9.20 -6.97
C ALA A 252 18.95 8.76 -8.41
N ARG A 253 20.02 8.54 -9.19
CA ARG A 253 19.88 8.16 -10.60
C ARG A 253 19.06 6.89 -10.83
N ALA A 254 18.97 6.04 -9.81
CA ALA A 254 18.23 4.80 -9.92
C ALA A 254 16.84 4.88 -9.28
N ILE A 255 16.39 6.09 -8.95
CA ILE A 255 15.10 6.26 -8.26
C ILE A 255 14.16 7.09 -9.12
N THR A 256 13.08 6.47 -9.58
CA THR A 256 12.04 7.17 -10.34
C THR A 256 10.67 6.56 -10.09
N GLY A 257 9.63 7.38 -10.24
CA GLY A 257 8.26 6.96 -9.95
C GLY A 257 8.00 6.63 -8.49
N GLU A 258 8.87 7.10 -7.61
CA GLU A 258 8.80 6.76 -6.18
C GLU A 258 8.09 7.86 -5.39
N VAL A 259 7.38 7.44 -4.35
CA VAL A 259 6.81 8.33 -3.34
C VAL A 259 7.59 8.17 -2.04
N VAL A 260 8.29 9.23 -1.62
CA VAL A 260 9.09 9.18 -0.38
C VAL A 260 8.39 9.95 0.73
N HIS A 261 8.07 9.26 1.83
CA HIS A 261 7.46 9.92 2.99
C HIS A 261 8.47 10.71 3.82
N VAL A 262 8.23 12.02 3.90
CA VAL A 262 9.04 12.92 4.69
C VAL A 262 8.08 13.45 5.74
N ASP A 263 7.93 12.69 6.82
CA ASP A 263 6.77 12.87 7.71
C ASP A 263 7.02 12.47 9.15
N ASN A 264 8.30 12.33 9.52
CA ASN A 264 8.69 11.87 10.85
C ASN A 264 8.06 10.53 11.24
N GLY A 265 7.81 9.69 10.24
CA GLY A 265 7.29 8.34 10.50
C GLY A 265 5.79 8.19 10.59
N TYR A 266 5.03 9.27 10.36
CA TYR A 266 3.58 9.20 10.54
C TYR A 266 2.96 8.06 9.76
N HIS A 267 3.44 7.85 8.53
CA HIS A 267 2.89 6.83 7.63
C HIS A 267 2.93 5.38 8.17
N ILE A 268 3.82 5.11 9.12
CA ILE A 268 3.90 3.76 9.68
C ILE A 268 2.76 3.42 10.65
N MET A 269 2.13 4.44 11.22
CA MET A 269 1.23 4.20 12.35
C MET A 269 -0.12 3.56 11.97
N GLY A 270 -0.49 2.52 12.70
CA GLY A 270 -1.78 1.84 12.50
C GLY A 270 -2.78 2.09 13.63
N VAL A 271 -2.33 2.85 14.63
CA VAL A 271 -3.19 3.43 15.68
C VAL A 271 -2.97 4.93 15.74
N PHE A 272 -3.93 5.65 16.32
CA PHE A 272 -4.01 7.09 16.18
C PHE A 272 -4.35 7.79 17.51
N GLY B 17 -26.83 -21.76 0.47
CA GLY B 17 -26.34 -23.00 -0.09
C GLY B 17 -25.21 -22.78 -1.08
N LEU B 18 -24.45 -21.69 -0.86
CA LEU B 18 -23.31 -21.35 -1.71
C LEU B 18 -22.18 -22.37 -1.65
N LEU B 19 -22.13 -23.12 -0.56
CA LEU B 19 -21.10 -24.16 -0.39
C LEU B 19 -21.69 -25.58 -0.39
N GLU B 20 -22.84 -25.79 -1.04
CA GLU B 20 -23.42 -27.12 -1.19
C GLU B 20 -22.42 -28.09 -1.80
N GLY B 21 -22.26 -29.24 -1.14
CA GLY B 21 -21.36 -30.29 -1.63
C GLY B 21 -19.87 -29.98 -1.47
N LYS B 22 -19.55 -28.93 -0.70
CA LYS B 22 -18.14 -28.60 -0.46
C LYS B 22 -17.70 -29.18 0.87
N ARG B 23 -16.46 -29.64 0.91
CA ARG B 23 -15.87 -30.16 2.13
C ARG B 23 -14.77 -29.22 2.61
N ALA B 24 -14.91 -28.73 3.83
CA ALA B 24 -14.01 -27.73 4.41
C ALA B 24 -13.34 -28.18 5.71
N LEU B 25 -12.03 -28.05 5.76
CA LEU B 25 -11.27 -28.26 6.98
C LEU B 25 -11.20 -26.94 7.73
N ILE B 26 -11.63 -26.97 8.98
CA ILE B 26 -11.58 -25.81 9.84
C ILE B 26 -10.50 -26.00 10.88
N THR B 27 -9.47 -25.16 10.81
CA THR B 27 -8.45 -25.13 11.84
C THR B 27 -8.75 -23.98 12.78
N GLY B 28 -8.24 -24.07 14.01
CA GLY B 28 -8.23 -22.93 14.93
C GLY B 28 -9.44 -22.70 15.82
N VAL B 29 -10.33 -23.69 15.91
CA VAL B 29 -11.46 -23.56 16.84
C VAL B 29 -10.95 -23.93 18.23
N ALA B 30 -11.11 -23.00 19.18
CA ALA B 30 -10.84 -23.27 20.59
C ALA B 30 -12.16 -23.24 21.38
N ASN B 31 -13.02 -22.30 21.03
CA ASN B 31 -14.33 -22.20 21.67
C ASN B 31 -15.29 -21.47 20.74
N GLU B 32 -16.44 -21.06 21.27
CA GLU B 32 -17.51 -20.49 20.47
C GLU B 32 -17.25 -19.01 20.13
N ARG B 33 -16.19 -18.44 20.69
CA ARG B 33 -15.78 -17.06 20.41
C ARG B 33 -14.69 -16.98 19.34
N SER B 34 -14.11 -18.13 19.00
CA SER B 34 -13.03 -18.21 17.99
C SER B 34 -13.49 -17.71 16.64
N ILE B 35 -12.60 -17.04 15.92
CA ILE B 35 -12.93 -16.61 14.56
C ILE B 35 -13.32 -17.82 13.71
N ALA B 36 -12.61 -18.94 13.89
CA ALA B 36 -12.88 -20.17 13.14
C ALA B 36 -14.28 -20.73 13.40
N TYR B 37 -14.81 -20.49 14.60
CA TYR B 37 -16.19 -20.87 14.92
C TYR B 37 -17.19 -20.09 14.09
N GLY B 38 -16.97 -18.78 13.97
CA GLY B 38 -17.76 -17.93 13.06
C GLY B 38 -17.73 -18.44 11.62
N ILE B 39 -16.54 -18.81 11.16
CA ILE B 39 -16.40 -19.38 9.83
C ILE B 39 -17.16 -20.71 9.69
N ALA B 40 -17.00 -21.60 10.65
CA ALA B 40 -17.74 -22.88 10.67
C ALA B 40 -19.25 -22.64 10.62
N LYS B 41 -19.73 -21.69 11.43
CA LYS B 41 -21.16 -21.34 11.48
C LYS B 41 -21.71 -20.91 10.11
N SER B 42 -21.06 -19.94 9.48
CA SER B 42 -21.44 -19.51 8.12
C SER B 42 -21.34 -20.65 7.07
N PHE B 43 -20.29 -21.45 7.16
CA PHE B 43 -20.05 -22.57 6.23
C PHE B 43 -21.16 -23.61 6.38
N HIS B 44 -21.53 -23.90 7.63
CA HIS B 44 -22.61 -24.83 7.91
C HIS B 44 -23.95 -24.36 7.33
N ARG B 45 -24.32 -23.11 7.65
CA ARG B 45 -25.51 -22.45 7.09
C ARG B 45 -25.56 -22.63 5.58
N GLU B 46 -24.40 -22.47 4.93
CA GLU B 46 -24.32 -22.52 3.48
C GLU B 46 -24.08 -23.90 2.88
N GLY B 47 -24.17 -24.96 3.69
CA GLY B 47 -24.23 -26.33 3.14
C GLY B 47 -22.92 -27.09 3.04
N ALA B 48 -21.85 -26.49 3.58
CA ALA B 48 -20.56 -27.19 3.66
C ALA B 48 -20.57 -28.35 4.66
N GLN B 49 -19.88 -29.43 4.31
CA GLN B 49 -19.51 -30.50 5.26
C GLN B 49 -18.22 -30.08 5.98
N LEU B 50 -18.12 -30.33 7.28
CA LEU B 50 -16.98 -29.82 8.04
C LEU B 50 -16.14 -30.91 8.73
N ALA B 51 -14.83 -30.64 8.79
CA ALA B 51 -13.88 -31.36 9.66
C ALA B 51 -13.06 -30.33 10.45
N PHE B 52 -12.69 -30.68 11.68
CA PHE B 52 -12.02 -29.75 12.59
C PHE B 52 -10.71 -30.33 13.11
N THR B 53 -9.69 -29.48 13.25
CA THR B 53 -8.52 -29.82 14.05
C THR B 53 -8.69 -29.24 15.46
N TYR B 54 -8.05 -29.84 16.44
CA TYR B 54 -7.84 -29.19 17.73
C TYR B 54 -6.35 -29.24 18.06
N ALA B 55 -5.85 -28.13 18.62
CA ALA B 55 -4.41 -27.91 18.76
C ALA B 55 -3.77 -28.72 19.89
N THR B 56 -4.49 -28.87 21.00
CA THR B 56 -3.95 -29.47 22.22
C THR B 56 -4.95 -30.44 22.85
N PRO B 57 -4.45 -31.49 23.54
CA PRO B 57 -5.39 -32.48 24.11
C PRO B 57 -6.50 -31.89 24.98
N LYS B 58 -6.23 -30.77 25.65
CA LYS B 58 -7.22 -30.11 26.49
C LYS B 58 -8.45 -29.59 25.73
N LEU B 59 -8.27 -29.24 24.46
CA LEU B 59 -9.37 -28.70 23.65
C LEU B 59 -10.27 -29.77 23.01
N GLU B 60 -9.84 -31.04 23.06
CA GLU B 60 -10.58 -32.12 22.38
C GLU B 60 -12.08 -32.12 22.67
N LYS B 61 -12.43 -32.08 23.95
CA LYS B 61 -13.82 -32.16 24.40
C LYS B 61 -14.68 -31.08 23.76
N ARG B 62 -14.31 -29.81 23.92
CA ARG B 62 -15.17 -28.74 23.42
C ARG B 62 -15.20 -28.62 21.91
N VAL B 63 -14.09 -28.92 21.25
CA VAL B 63 -14.08 -28.95 19.78
C VAL B 63 -14.98 -30.09 19.25
N ARG B 64 -14.95 -31.24 19.89
CA ARG B 64 -15.84 -32.35 19.52
C ARG B 64 -17.31 -31.96 19.72
N GLU B 65 -17.59 -31.31 20.84
CA GLU B 65 -18.93 -30.79 21.12
C GLU B 65 -19.38 -29.75 20.09
N ILE B 66 -18.45 -28.87 19.68
CA ILE B 66 -18.75 -27.87 18.67
C ILE B 66 -19.04 -28.50 17.31
N ALA B 67 -18.20 -29.44 16.90
CA ALA B 67 -18.40 -30.19 15.66
C ALA B 67 -19.77 -30.87 15.64
N LYS B 68 -20.10 -31.55 16.75
CA LYS B 68 -21.39 -32.24 16.91
C LYS B 68 -22.56 -31.29 16.66
N GLY B 69 -22.50 -30.10 17.26
CA GLY B 69 -23.48 -29.04 17.03
C GLY B 69 -23.69 -28.66 15.57
N PHE B 70 -22.68 -28.88 14.73
CA PHE B 70 -22.76 -28.61 13.29
C PHE B 70 -23.06 -29.87 12.49
N GLY B 71 -23.28 -30.99 13.17
CA GLY B 71 -23.53 -32.26 12.49
C GLY B 71 -22.28 -32.98 11.98
N SER B 72 -21.13 -32.61 12.52
CA SER B 72 -19.85 -33.20 12.12
C SER B 72 -19.33 -34.18 13.14
N ASP B 73 -18.80 -35.31 12.68
CA ASP B 73 -18.11 -36.24 13.55
C ASP B 73 -16.58 -36.25 13.33
N LEU B 74 -16.08 -35.29 12.55
CA LEU B 74 -14.70 -35.33 12.10
C LEU B 74 -13.85 -34.32 12.83
N VAL B 75 -13.14 -34.79 13.85
CA VAL B 75 -12.32 -33.94 14.71
C VAL B 75 -11.04 -34.72 14.92
N VAL B 76 -9.90 -34.04 14.80
CA VAL B 76 -8.60 -34.70 14.92
C VAL B 76 -7.57 -33.74 15.55
N LYS B 77 -6.70 -34.28 16.39
CA LYS B 77 -5.65 -33.49 17.03
C LYS B 77 -4.63 -33.15 15.95
N CYS B 78 -4.22 -31.89 15.90
CA CYS B 78 -3.15 -31.49 14.99
C CYS B 78 -2.41 -30.31 15.58
N ASP B 79 -1.20 -30.58 16.07
CA ASP B 79 -0.29 -29.53 16.50
C ASP B 79 0.58 -29.20 15.28
N VAL B 80 0.36 -28.02 14.69
CA VAL B 80 1.02 -27.68 13.41
C VAL B 80 2.55 -27.46 13.49
N SER B 81 3.07 -27.40 14.70
CA SER B 81 4.52 -27.39 14.90
C SER B 81 5.14 -28.74 14.57
N LEU B 82 4.30 -29.76 14.42
CA LEU B 82 4.77 -31.12 14.21
C LEU B 82 4.49 -31.64 12.79
N ASP B 83 5.55 -31.99 12.08
CA ASP B 83 5.44 -32.59 10.76
C ASP B 83 4.54 -33.83 10.76
N GLU B 84 4.65 -34.64 11.80
CA GLU B 84 3.90 -35.90 11.90
C GLU B 84 2.40 -35.67 12.08
N ASP B 85 2.05 -34.61 12.81
CA ASP B 85 0.65 -34.22 12.99
C ASP B 85 0.01 -33.75 11.67
N ILE B 86 0.80 -33.06 10.83
CA ILE B 86 0.32 -32.63 9.51
C ILE B 86 0.14 -33.84 8.58
N LYS B 87 1.12 -34.73 8.56
CA LYS B 87 1.00 -36.00 7.85
C LYS B 87 -0.22 -36.82 8.32
N ASN B 88 -0.42 -36.92 9.63
CA ASN B 88 -1.58 -37.67 10.17
C ASN B 88 -2.93 -37.00 9.88
N LEU B 89 -2.92 -35.67 9.78
CA LEU B 89 -4.09 -34.92 9.34
C LEU B 89 -4.49 -35.34 7.92
N LYS B 90 -3.51 -35.39 7.02
CA LYS B 90 -3.75 -35.83 5.65
C LYS B 90 -4.31 -37.25 5.62
N LYS B 91 -3.68 -38.15 6.38
CA LYS B 91 -4.15 -39.54 6.51
C LYS B 91 -5.59 -39.62 7.02
N PHE B 92 -5.91 -38.81 8.03
CA PHE B 92 -7.29 -38.71 8.55
C PHE B 92 -8.31 -38.27 7.48
N LEU B 93 -7.99 -37.20 6.74
CA LEU B 93 -8.88 -36.71 5.67
C LEU B 93 -8.97 -37.66 4.48
N GLU B 94 -7.87 -38.35 4.16
CA GLU B 94 -7.88 -39.39 3.13
C GLU B 94 -8.87 -40.52 3.49
N GLU B 95 -8.95 -40.85 4.78
CA GLU B 95 -9.82 -41.96 5.23
C GLU B 95 -11.28 -41.59 5.37
N ASN B 96 -11.53 -40.33 5.71
CA ASN B 96 -12.87 -39.88 6.04
C ASN B 96 -13.56 -39.09 4.95
N TRP B 97 -12.79 -38.61 3.98
CA TRP B 97 -13.33 -37.81 2.87
C TRP B 97 -12.77 -38.23 1.51
N GLY B 98 -11.45 -38.31 1.42
CA GLY B 98 -10.79 -38.70 0.17
C GLY B 98 -10.82 -37.63 -0.92
N SER B 99 -11.41 -36.47 -0.61
CA SER B 99 -11.30 -35.26 -1.40
C SER B 99 -11.63 -34.08 -0.50
N LEU B 100 -11.15 -32.90 -0.87
CA LEU B 100 -11.26 -31.73 -0.03
C LEU B 100 -11.42 -30.51 -0.94
N ASP B 101 -12.26 -29.57 -0.53
CA ASP B 101 -12.51 -28.34 -1.28
C ASP B 101 -11.85 -27.11 -0.66
N ILE B 102 -11.92 -27.01 0.66
CA ILE B 102 -11.57 -25.77 1.37
C ILE B 102 -10.67 -26.02 2.57
N ILE B 103 -9.65 -25.18 2.73
CA ILE B 103 -8.89 -25.13 3.98
C ILE B 103 -9.09 -23.76 4.60
N VAL B 104 -9.56 -23.75 5.84
CA VAL B 104 -9.61 -22.53 6.64
C VAL B 104 -8.42 -22.56 7.60
N HIS B 105 -7.47 -21.67 7.36
CA HIS B 105 -6.27 -21.55 8.19
C HIS B 105 -6.47 -20.39 9.19
N SER B 106 -6.75 -20.73 10.44
CA SER B 106 -6.98 -19.73 11.48
C SER B 106 -6.05 -20.06 12.66
N ILE B 107 -4.75 -19.89 12.45
CA ILE B 107 -3.74 -20.32 13.43
C ILE B 107 -2.72 -19.20 13.62
N ALA B 108 -2.58 -18.71 14.84
CA ALA B 108 -1.65 -17.63 15.16
C ALA B 108 -1.27 -17.74 16.61
N TYR B 109 0.03 -17.72 16.88
CA TYR B 109 0.52 -17.74 18.27
C TYR B 109 1.91 -17.16 18.38
N ALA B 110 2.12 -16.42 19.46
CA ALA B 110 3.47 -16.11 19.92
C ALA B 110 3.44 -16.20 21.43
N PRO B 111 4.58 -16.55 22.07
CA PRO B 111 4.56 -16.49 23.53
C PRO B 111 4.10 -15.11 24.03
N LYS B 112 3.31 -15.09 25.10
CA LYS B 112 2.66 -13.85 25.54
C LYS B 112 3.66 -12.75 25.91
N GLU B 113 4.87 -13.15 26.30
CA GLU B 113 5.92 -12.20 26.67
C GLU B 113 6.29 -11.29 25.50
N GLU B 114 6.17 -11.83 24.29
CA GLU B 114 6.59 -11.08 23.08
C GLU B 114 5.72 -9.85 22.86
N PHE B 115 4.53 -9.82 23.47
CA PHE B 115 3.65 -8.64 23.32
C PHE B 115 3.87 -7.53 24.37
N LYS B 116 4.74 -7.78 25.35
CA LYS B 116 4.85 -6.88 26.52
C LYS B 116 5.51 -5.53 26.28
N GLY B 117 6.59 -5.51 25.49
CA GLY B 117 7.26 -4.23 25.16
C GLY B 117 7.06 -3.91 23.69
N GLY B 118 8.17 -3.69 22.99
CA GLY B 118 8.11 -3.44 21.53
C GLY B 118 8.74 -4.58 20.76
N VAL B 119 8.69 -4.50 19.42
CA VAL B 119 9.39 -5.49 18.57
C VAL B 119 10.89 -5.60 18.91
N ILE B 120 11.48 -4.49 19.33
CA ILE B 120 12.91 -4.46 19.72
C ILE B 120 13.22 -5.47 20.85
N ASP B 121 12.21 -5.81 21.64
CA ASP B 121 12.38 -6.72 22.79
C ASP B 121 12.08 -8.18 22.46
N THR B 122 11.71 -8.46 21.20
CA THR B 122 11.41 -9.85 20.77
C THR B 122 12.58 -10.81 21.02
N SER B 123 12.29 -11.95 21.65
CA SER B 123 13.32 -12.96 21.85
C SER B 123 13.48 -13.80 20.56
N ARG B 124 14.68 -14.32 20.32
CA ARG B 124 14.92 -15.15 19.15
C ARG B 124 13.99 -16.34 19.07
N GLU B 125 13.82 -17.02 20.20
CA GLU B 125 13.01 -18.22 20.30
C GLU B 125 11.53 -17.91 20.09
N GLY B 126 11.06 -16.81 20.68
CA GLY B 126 9.68 -16.34 20.49
C GLY B 126 9.37 -16.00 19.03
N PHE B 127 10.34 -15.35 18.38
CA PHE B 127 10.26 -15.04 16.96
C PHE B 127 10.10 -16.32 16.14
N LYS B 128 10.99 -17.28 16.41
CA LYS B 128 10.98 -18.54 15.66
C LYS B 128 9.63 -19.25 15.78
N ILE B 129 9.12 -19.33 17.00
CA ILE B 129 7.82 -19.94 17.26
C ILE B 129 6.71 -19.19 16.53
N ALA B 130 6.71 -17.86 16.64
CA ALA B 130 5.66 -17.05 16.02
C ALA B 130 5.57 -17.28 14.51
N MET B 131 6.72 -17.26 13.82
CA MET B 131 6.78 -17.46 12.38
C MET B 131 6.41 -18.90 11.97
N ASP B 132 6.91 -19.88 12.71
CA ASP B 132 6.62 -21.29 12.47
C ASP B 132 5.11 -21.57 12.57
N ILE B 133 4.50 -21.19 13.70
CA ILE B 133 3.10 -21.51 13.95
C ILE B 133 2.16 -20.64 13.10
N SER B 134 2.52 -19.36 12.94
CA SER B 134 1.58 -18.40 12.37
C SER B 134 1.70 -18.28 10.85
N VAL B 135 2.84 -18.72 10.30
CA VAL B 135 3.09 -18.53 8.88
C VAL B 135 3.45 -19.86 8.22
N TYR B 136 4.51 -20.50 8.71
CA TYR B 136 4.95 -21.75 8.08
C TYR B 136 3.82 -22.78 8.04
N SER B 137 2.98 -22.82 9.07
CA SER B 137 1.89 -23.80 9.11
C SER B 137 0.98 -23.74 7.87
N LEU B 138 0.78 -22.55 7.32
CA LEU B 138 -0.02 -22.41 6.08
C LEU B 138 0.65 -23.15 4.91
N ILE B 139 1.95 -22.98 4.77
CA ILE B 139 2.71 -23.66 3.72
C ILE B 139 2.64 -25.19 3.90
N ALA B 140 2.86 -25.65 5.13
CA ALA B 140 2.84 -27.09 5.42
C ALA B 140 1.47 -27.71 5.11
N LEU B 141 0.41 -27.09 5.61
CA LEU B 141 -0.96 -27.55 5.34
C LEU B 141 -1.33 -27.54 3.84
N THR B 142 -0.96 -26.46 3.14
CA THR B 142 -1.25 -26.34 1.71
C THR B 142 -0.54 -27.42 0.90
N ARG B 143 0.77 -27.58 1.14
CA ARG B 143 1.56 -28.63 0.47
C ARG B 143 0.99 -30.04 0.76
N GLU B 144 0.75 -30.33 2.03
CA GLU B 144 0.31 -31.68 2.43
C GLU B 144 -1.06 -32.02 1.89
N LEU B 145 -2.00 -31.08 1.96
CA LEU B 145 -3.40 -31.34 1.61
C LEU B 145 -3.77 -31.09 0.14
N LEU B 146 -2.86 -30.51 -0.63
CA LEU B 146 -3.17 -30.18 -2.03
C LEU B 146 -3.62 -31.38 -2.90
N PRO B 147 -2.95 -32.55 -2.75
CA PRO B 147 -3.40 -33.73 -3.49
C PRO B 147 -4.87 -34.10 -3.26
N LEU B 148 -5.38 -33.91 -2.06
CA LEU B 148 -6.78 -34.19 -1.77
C LEU B 148 -7.74 -33.25 -2.49
N MET B 149 -7.23 -32.12 -2.95
CA MET B 149 -8.01 -31.13 -3.66
C MET B 149 -8.00 -31.33 -5.18
N GLU B 150 -7.23 -32.31 -5.66
CA GLU B 150 -7.09 -32.50 -7.12
C GLU B 150 -8.44 -32.77 -7.77
N GLY B 151 -8.73 -32.02 -8.83
CA GLY B 151 -9.98 -32.16 -9.58
C GLY B 151 -11.11 -31.31 -9.02
N ARG B 152 -10.85 -30.68 -7.88
CA ARG B 152 -11.79 -29.82 -7.20
C ARG B 152 -11.45 -28.37 -7.54
N ASN B 153 -12.41 -27.47 -7.34
CA ASN B 153 -12.10 -26.04 -7.48
C ASN B 153 -11.76 -25.51 -6.09
N GLY B 154 -10.54 -25.80 -5.66
CA GLY B 154 -10.14 -25.59 -4.28
C GLY B 154 -10.02 -24.12 -3.89
N ALA B 155 -10.26 -23.83 -2.61
CA ALA B 155 -10.07 -22.50 -2.06
C ALA B 155 -9.46 -22.59 -0.66
N ILE B 156 -8.49 -21.73 -0.40
CA ILE B 156 -7.90 -21.67 0.93
C ILE B 156 -8.10 -20.23 1.43
N VAL B 157 -8.39 -20.11 2.72
CA VAL B 157 -8.49 -18.78 3.32
C VAL B 157 -7.71 -18.75 4.63
N THR B 158 -6.91 -17.70 4.81
CA THR B 158 -6.20 -17.50 6.06
C THR B 158 -6.60 -16.17 6.67
N LEU B 159 -6.26 -15.99 7.94
CA LEU B 159 -6.62 -14.76 8.63
C LEU B 159 -5.40 -13.90 8.88
N SER B 160 -5.52 -12.61 8.58
CA SER B 160 -4.45 -11.66 8.85
C SER B 160 -5.02 -10.48 9.67
N TYR B 161 -4.21 -9.44 9.83
CA TYR B 161 -4.60 -8.26 10.61
C TYR B 161 -3.78 -7.06 10.13
N TYR B 162 -4.37 -5.87 10.25
CA TYR B 162 -3.80 -4.60 9.82
C TYR B 162 -2.40 -4.33 10.36
N GLY B 163 -2.07 -4.98 11.47
CA GLY B 163 -0.73 -4.95 12.05
C GLY B 163 0.34 -5.46 11.09
N ALA B 164 -0.07 -6.14 10.01
CA ALA B 164 0.84 -6.54 8.92
C ALA B 164 1.30 -5.34 8.10
N GLU B 165 0.46 -4.31 8.06
CA GLU B 165 0.62 -3.17 7.16
C GLU B 165 1.15 -1.92 7.86
N LYS B 166 0.74 -1.78 9.11
CA LYS B 166 1.05 -0.60 9.91
C LYS B 166 1.42 -1.05 11.31
N VAL B 167 1.99 -0.13 12.08
CA VAL B 167 2.42 -0.42 13.45
C VAL B 167 1.22 -0.36 14.38
N VAL B 168 0.89 -1.50 14.98
CA VAL B 168 -0.09 -1.56 16.06
C VAL B 168 0.70 -1.93 17.31
N PRO B 169 0.96 -0.94 18.18
CA PRO B 169 1.78 -1.17 19.38
C PRO B 169 1.32 -2.41 20.15
N HIS B 170 2.30 -3.21 20.57
CA HIS B 170 2.05 -4.46 21.32
C HIS B 170 1.62 -5.65 20.47
N TYR B 171 1.16 -5.42 19.24
CA TYR B 171 0.96 -6.53 18.30
C TYR B 171 2.32 -7.14 17.92
N ASN B 172 3.33 -6.29 17.83
CA ASN B 172 4.74 -6.69 17.82
C ASN B 172 5.10 -7.77 16.79
N VAL B 173 5.70 -8.89 17.25
CA VAL B 173 6.14 -9.95 16.34
C VAL B 173 5.00 -10.50 15.48
N MET B 174 3.76 -10.38 15.95
CA MET B 174 2.63 -10.84 15.13
C MET B 174 2.40 -9.95 13.90
N GLY B 175 2.79 -8.68 13.99
CA GLY B 175 2.70 -7.79 12.82
C GLY B 175 3.73 -8.18 11.77
N ILE B 176 4.88 -8.65 12.23
CA ILE B 176 5.89 -9.24 11.36
C ILE B 176 5.36 -10.55 10.75
N ALA B 177 4.84 -11.46 11.59
CA ALA B 177 4.27 -12.70 11.08
C ALA B 177 3.17 -12.46 10.06
N LYS B 178 2.26 -11.52 10.34
CA LYS B 178 1.14 -11.33 9.40
C LYS B 178 1.57 -10.74 8.05
N ALA B 179 2.60 -9.90 8.06
CA ALA B 179 3.15 -9.38 6.81
C ALA B 179 3.77 -10.54 5.98
N ALA B 180 4.51 -11.41 6.67
CA ALA B 180 5.03 -12.63 6.04
C ALA B 180 3.90 -13.52 5.52
N LEU B 181 2.84 -13.65 6.31
CA LEU B 181 1.66 -14.42 5.90
C LEU B 181 1.06 -13.88 4.62
N GLU B 182 0.90 -12.56 4.51
CA GLU B 182 0.23 -12.01 3.32
C GLU B 182 1.09 -12.24 2.07
N SER B 183 2.40 -12.10 2.21
CA SER B 183 3.33 -12.44 1.14
C SER B 183 3.26 -13.93 0.79
N THR B 184 3.18 -14.78 1.82
CA THR B 184 3.05 -16.23 1.64
C THR B 184 1.79 -16.54 0.81
N VAL B 185 0.68 -15.87 1.11
CA VAL B 185 -0.56 -16.02 0.33
C VAL B 185 -0.35 -15.72 -1.18
N ARG B 186 0.36 -14.63 -1.49
CA ARG B 186 0.65 -14.27 -2.87
C ARG B 186 1.45 -15.36 -3.56
N TYR B 187 2.55 -15.79 -2.94
CA TYR B 187 3.37 -16.85 -3.57
C TYR B 187 2.60 -18.17 -3.71
N LEU B 188 1.85 -18.55 -2.68
CA LEU B 188 1.04 -19.76 -2.78
C LEU B 188 -0.02 -19.68 -3.88
N ALA B 189 -0.61 -18.49 -4.07
CA ALA B 189 -1.58 -18.31 -5.15
C ALA B 189 -0.97 -18.67 -6.50
N TYR B 190 0.24 -18.19 -6.73
CA TYR B 190 1.03 -18.49 -7.91
C TYR B 190 1.28 -19.99 -8.05
N ASP B 191 1.65 -20.67 -6.95
CA ASP B 191 1.93 -22.11 -6.96
C ASP B 191 0.69 -22.96 -7.29
N ILE B 192 -0.42 -22.64 -6.65
CA ILE B 192 -1.58 -23.52 -6.66
C ILE B 192 -2.57 -23.26 -7.82
N ALA B 193 -2.40 -22.11 -8.48
CA ALA B 193 -3.22 -21.75 -9.64
C ALA B 193 -3.13 -22.81 -10.74
N LYS B 194 -1.94 -23.36 -10.95
CA LYS B 194 -1.75 -24.39 -11.97
C LYS B 194 -2.41 -25.73 -11.59
N HIS B 195 -2.97 -25.80 -10.39
CA HIS B 195 -3.78 -26.94 -9.98
C HIS B 195 -5.25 -26.58 -9.88
N GLY B 196 -5.57 -25.34 -10.26
CA GLY B 196 -6.95 -24.86 -10.30
C GLY B 196 -7.46 -24.37 -8.97
N HIS B 197 -6.56 -24.06 -8.06
CA HIS B 197 -6.94 -23.62 -6.71
C HIS B 197 -6.66 -22.15 -6.45
N ARG B 198 -7.33 -21.61 -5.43
CA ARG B 198 -7.20 -20.21 -5.04
C ARG B 198 -6.89 -20.10 -3.55
N ILE B 199 -6.24 -18.99 -3.17
CA ILE B 199 -5.96 -18.71 -1.77
C ILE B 199 -5.98 -17.24 -1.55
N ASN B 200 -6.64 -16.83 -0.47
CA ASN B 200 -6.82 -15.43 -0.11
C ASN B 200 -6.68 -15.25 1.39
N ALA B 201 -6.51 -14.01 1.83
CA ALA B 201 -6.51 -13.69 3.25
C ALA B 201 -7.66 -12.76 3.60
N ILE B 202 -8.26 -12.97 4.77
CA ILE B 202 -9.14 -11.98 5.38
C ILE B 202 -8.36 -11.23 6.44
N SER B 203 -8.21 -9.93 6.25
CA SER B 203 -7.58 -9.09 7.26
C SER B 203 -8.72 -8.63 8.16
N ALA B 204 -8.90 -9.36 9.26
CA ALA B 204 -10.01 -9.14 10.21
C ALA B 204 -9.63 -8.08 11.23
N GLY B 205 -10.60 -7.27 11.63
CA GLY B 205 -10.41 -6.33 12.73
C GLY B 205 -10.40 -7.12 14.06
N PRO B 206 -10.06 -6.45 15.17
CA PRO B 206 -10.01 -7.10 16.49
C PRO B 206 -11.34 -7.72 16.91
N VAL B 207 -11.24 -8.88 17.52
CA VAL B 207 -12.35 -9.61 18.09
C VAL B 207 -11.86 -10.13 19.46
N LYS B 208 -12.71 -10.05 20.47
CA LYS B 208 -12.37 -10.60 21.79
C LYS B 208 -12.45 -12.13 21.77
N THR B 209 -11.32 -12.77 21.55
CA THR B 209 -11.22 -14.23 21.53
C THR B 209 -10.33 -14.68 22.67
N LEU B 210 -10.33 -15.98 22.97
CA LEU B 210 -9.39 -16.54 23.93
C LEU B 210 -7.95 -16.22 23.52
N ALA B 211 -7.67 -16.37 22.23
CA ALA B 211 -6.34 -16.11 21.67
C ALA B 211 -5.88 -14.65 21.77
N ALA B 212 -6.81 -13.72 21.61
CA ALA B 212 -6.49 -12.29 21.56
C ALA B 212 -6.52 -11.58 22.91
N THR B 216 -1.28 -8.41 25.72
CA THR B 216 -1.00 -7.11 26.33
C THR B 216 -1.70 -6.00 25.55
N GLY B 217 -2.47 -5.18 26.27
CA GLY B 217 -3.10 -3.99 25.68
C GLY B 217 -4.33 -4.26 24.81
N PHE B 218 -4.83 -5.49 24.84
CA PHE B 218 -6.00 -5.83 24.02
C PHE B 218 -7.21 -4.89 24.23
N HIS B 219 -7.59 -4.66 25.49
CA HIS B 219 -8.74 -3.81 25.78
C HIS B 219 -8.62 -2.43 25.11
N LEU B 220 -7.45 -1.82 25.25
CA LEU B 220 -7.21 -0.52 24.67
C LEU B 220 -7.19 -0.56 23.14
N LEU B 221 -6.59 -1.61 22.57
CA LEU B 221 -6.61 -1.79 21.11
C LEU B 221 -8.04 -1.89 20.61
N MET B 222 -8.82 -2.74 21.25
CA MET B 222 -10.21 -2.96 20.90
C MET B 222 -11.00 -1.63 20.98
N GLU B 223 -10.85 -0.94 22.10
CA GLU B 223 -11.51 0.36 22.31
C GLU B 223 -11.09 1.38 21.24
N HIS B 224 -9.78 1.46 20.97
CA HIS B 224 -9.28 2.45 20.02
C HIS B 224 -9.76 2.18 18.60
N THR B 225 -9.71 0.92 18.21
CA THR B 225 -10.18 0.50 16.89
C THR B 225 -11.68 0.80 16.69
N THR B 226 -12.49 0.48 17.69
CA THR B 226 -13.92 0.74 17.69
C THR B 226 -14.23 2.24 17.57
N LYS B 227 -13.48 3.06 18.29
CA LYS B 227 -13.67 4.51 18.23
C LYS B 227 -13.32 5.11 16.88
N VAL B 228 -12.28 4.57 16.24
CA VAL B 228 -11.70 5.13 15.03
C VAL B 228 -12.35 4.68 13.72
N ASN B 229 -12.74 3.40 13.64
CA ASN B 229 -13.34 2.91 12.39
C ASN B 229 -14.66 3.64 12.09
N PRO B 230 -14.97 3.84 10.79
CA PRO B 230 -16.10 4.68 10.43
C PRO B 230 -17.46 4.23 10.94
N PHE B 231 -17.60 2.95 11.33
CA PHE B 231 -18.87 2.49 11.91
C PHE B 231 -18.95 2.60 13.44
N GLY B 232 -17.83 2.85 14.11
CA GLY B 232 -17.84 2.98 15.56
C GLY B 232 -18.26 1.69 16.25
N LYS B 233 -17.91 0.56 15.66
CA LYS B 233 -18.20 -0.76 16.24
C LYS B 233 -17.22 -1.82 15.73
N PRO B 234 -16.95 -2.85 16.57
CA PRO B 234 -16.06 -3.90 16.12
C PRO B 234 -16.77 -4.84 15.16
N ILE B 235 -15.99 -5.61 14.41
CA ILE B 235 -16.53 -6.70 13.62
C ILE B 235 -16.91 -7.89 14.50
N THR B 236 -17.63 -8.84 13.91
CA THR B 236 -17.99 -10.06 14.62
C THR B 236 -17.38 -11.25 13.89
N ILE B 237 -17.35 -12.39 14.55
CA ILE B 237 -16.83 -13.60 13.90
C ILE B 237 -17.76 -14.00 12.73
N GLU B 238 -19.03 -13.60 12.80
CA GLU B 238 -19.99 -13.86 11.72
C GLU B 238 -19.66 -13.02 10.47
N ASP B 239 -19.17 -11.80 10.67
CA ASP B 239 -18.70 -10.96 9.54
C ASP B 239 -17.58 -11.65 8.77
N VAL B 240 -16.65 -12.24 9.52
CA VAL B 240 -15.55 -12.98 8.91
C VAL B 240 -16.09 -14.22 8.20
N GLY B 241 -17.01 -14.92 8.86
CA GLY B 241 -17.56 -16.15 8.29
C GLY B 241 -18.25 -15.94 6.96
N ASP B 242 -19.08 -14.93 6.87
CA ASP B 242 -19.82 -14.62 5.64
C ASP B 242 -18.88 -14.22 4.49
N THR B 243 -17.81 -13.49 4.81
CA THR B 243 -16.78 -13.16 3.82
C THR B 243 -16.02 -14.42 3.37
N ALA B 244 -15.70 -15.28 4.33
CA ALA B 244 -15.02 -16.54 4.04
C ALA B 244 -15.87 -17.42 3.11
N VAL B 245 -17.18 -17.44 3.34
CA VAL B 245 -18.07 -18.19 2.44
C VAL B 245 -17.87 -17.71 1.02
N PHE B 246 -18.03 -16.41 0.80
CA PHE B 246 -17.87 -15.86 -0.53
C PHE B 246 -16.53 -16.24 -1.15
N LEU B 247 -15.44 -16.00 -0.41
CA LEU B 247 -14.09 -16.19 -0.93
C LEU B 247 -13.78 -17.66 -1.19
N CYS B 248 -14.43 -18.56 -0.46
CA CYS B 248 -14.24 -19.99 -0.69
C CYS B 248 -15.29 -20.61 -1.62
N SER B 249 -16.12 -19.76 -2.24
CA SER B 249 -17.19 -20.24 -3.12
C SER B 249 -16.77 -20.03 -4.55
N ASP B 250 -17.53 -20.63 -5.46
CA ASP B 250 -17.25 -20.50 -6.87
C ASP B 250 -17.59 -19.07 -7.39
N TRP B 251 -18.30 -18.27 -6.60
CA TRP B 251 -18.53 -16.87 -6.98
C TRP B 251 -17.21 -16.07 -7.03
N ALA B 252 -16.24 -16.48 -6.22
CA ALA B 252 -14.93 -15.82 -6.16
C ALA B 252 -13.87 -16.48 -7.04
N ARG B 253 -14.32 -17.19 -8.08
CA ARG B 253 -13.43 -17.95 -8.97
C ARG B 253 -12.31 -17.10 -9.60
N ALA B 254 -12.54 -15.80 -9.67
CA ALA B 254 -11.59 -14.89 -10.27
C ALA B 254 -10.76 -14.14 -9.21
N ILE B 255 -10.87 -14.56 -7.95
CA ILE B 255 -10.17 -13.87 -6.85
C ILE B 255 -9.15 -14.79 -6.19
N THR B 256 -7.87 -14.45 -6.33
CA THR B 256 -6.80 -15.19 -5.65
C THR B 256 -5.63 -14.29 -5.29
N GLY B 257 -4.89 -14.65 -4.24
CA GLY B 257 -3.77 -13.84 -3.75
C GLY B 257 -4.19 -12.48 -3.20
N GLU B 258 -5.47 -12.36 -2.84
CA GLU B 258 -6.05 -11.11 -2.40
C GLU B 258 -6.13 -11.05 -0.88
N VAL B 259 -5.98 -9.85 -0.34
CA VAL B 259 -6.22 -9.57 1.07
C VAL B 259 -7.47 -8.73 1.20
N VAL B 260 -8.52 -9.27 1.82
CA VAL B 260 -9.78 -8.52 1.98
C VAL B 260 -9.94 -8.03 3.41
N HIS B 261 -10.08 -6.72 3.60
CA HIS B 261 -10.30 -6.15 4.93
C HIS B 261 -11.74 -6.32 5.40
N VAL B 262 -11.92 -7.03 6.51
CA VAL B 262 -13.22 -7.25 7.12
C VAL B 262 -13.05 -6.60 8.49
N ASP B 263 -13.25 -5.29 8.54
CA ASP B 263 -12.78 -4.47 9.65
C ASP B 263 -13.62 -3.21 9.90
N ASN B 264 -14.82 -3.18 9.33
CA ASN B 264 -15.70 -2.02 9.44
C ASN B 264 -15.05 -0.71 8.97
N GLY B 265 -14.13 -0.82 8.01
CA GLY B 265 -13.50 0.36 7.40
C GLY B 265 -12.27 0.88 8.12
N TYR B 266 -11.79 0.18 9.13
CA TYR B 266 -10.67 0.71 9.91
C TYR B 266 -9.47 1.04 9.00
N HIS B 267 -9.21 0.16 8.02
CA HIS B 267 -8.05 0.28 7.13
C HIS B 267 -8.00 1.59 6.33
N ILE B 268 -9.15 2.25 6.17
CA ILE B 268 -9.17 3.52 5.40
C ILE B 268 -8.62 4.72 6.16
N MET B 269 -8.64 4.69 7.50
CA MET B 269 -8.38 5.90 8.28
C MET B 269 -6.91 6.34 8.30
N GLY B 270 -6.68 7.64 8.11
CA GLY B 270 -5.31 8.20 8.19
C GLY B 270 -5.17 9.15 9.37
N VAL B 271 -6.25 9.20 10.15
CA VAL B 271 -6.60 10.17 11.22
C VAL B 271 -5.76 11.43 11.35
N LEU C 18 -27.17 -12.65 -1.47
CA LEU C 18 -28.57 -12.61 -2.00
C LEU C 18 -29.26 -11.28 -1.65
N LEU C 19 -30.00 -10.79 -2.63
CA LEU C 19 -30.45 -9.41 -2.66
C LEU C 19 -31.98 -9.29 -2.68
N GLU C 20 -32.66 -10.25 -2.06
CA GLU C 20 -34.12 -10.24 -1.97
C GLU C 20 -34.61 -9.01 -1.18
N GLY C 21 -35.59 -8.31 -1.76
CA GLY C 21 -36.13 -7.10 -1.16
C GLY C 21 -35.31 -5.86 -1.46
N LYS C 22 -34.17 -6.02 -2.15
CA LYS C 22 -33.26 -4.90 -2.40
C LYS C 22 -33.58 -4.18 -3.72
N ARG C 23 -33.49 -2.86 -3.70
CA ARG C 23 -33.68 -2.08 -4.91
C ARG C 23 -32.36 -1.45 -5.34
N ALA C 24 -31.92 -1.77 -6.55
CA ALA C 24 -30.62 -1.35 -7.06
C ALA C 24 -30.74 -0.51 -8.33
N LEU C 25 -30.02 0.60 -8.34
CA LEU C 25 -29.82 1.38 -9.53
C LEU C 25 -28.55 0.92 -10.23
N ILE C 26 -28.68 0.62 -11.52
CA ILE C 26 -27.56 0.23 -12.37
C ILE C 26 -27.20 1.32 -13.38
N THR C 27 -26.00 1.88 -13.26
CA THR C 27 -25.51 2.81 -14.27
C THR C 27 -24.54 2.09 -15.22
N GLY C 28 -24.39 2.61 -16.43
CA GLY C 28 -23.33 2.15 -17.33
C GLY C 28 -23.64 0.99 -18.27
N VAL C 29 -24.91 0.63 -18.38
CA VAL C 29 -25.30 -0.39 -19.34
C VAL C 29 -25.41 0.29 -20.71
N ALA C 30 -24.61 -0.20 -21.64
CA ALA C 30 -24.65 0.23 -23.04
C ALA C 30 -25.20 -0.92 -23.89
N ASN C 31 -24.77 -2.13 -23.56
CA ASN C 31 -25.17 -3.34 -24.26
C ASN C 31 -24.94 -4.58 -23.40
N GLU C 32 -25.05 -5.75 -24.01
CA GLU C 32 -24.96 -7.03 -23.31
C GLU C 32 -23.53 -7.42 -22.94
N ARG C 33 -22.55 -6.63 -23.40
CA ARG C 33 -21.15 -6.88 -23.07
C ARG C 33 -20.63 -5.90 -22.02
N SER C 34 -21.47 -4.94 -21.65
CA SER C 34 -21.14 -3.97 -20.60
C SER C 34 -20.89 -4.71 -19.29
N ILE C 35 -19.87 -4.28 -18.54
CA ILE C 35 -19.63 -4.82 -17.20
C ILE C 35 -20.90 -4.68 -16.35
N ALA C 36 -21.58 -3.52 -16.44
CA ALA C 36 -22.84 -3.30 -15.74
C ALA C 36 -23.94 -4.31 -16.12
N TYR C 37 -23.89 -4.86 -17.34
CA TYR C 37 -24.88 -5.89 -17.73
C TYR C 37 -24.66 -7.16 -16.91
N GLY C 38 -23.39 -7.53 -16.71
CA GLY C 38 -23.04 -8.70 -15.93
C GLY C 38 -23.46 -8.54 -14.48
N ILE C 39 -23.29 -7.33 -13.97
CA ILE C 39 -23.75 -7.00 -12.61
C ILE C 39 -25.28 -7.09 -12.55
N ALA C 40 -25.97 -6.48 -13.51
CA ALA C 40 -27.44 -6.54 -13.51
C ALA C 40 -27.93 -7.99 -13.58
N LYS C 41 -27.25 -8.80 -14.37
CA LYS C 41 -27.59 -10.22 -14.53
C LYS C 41 -27.50 -10.96 -13.19
N SER C 42 -26.36 -10.83 -12.51
CA SER C 42 -26.17 -11.42 -11.18
C SER C 42 -27.15 -10.88 -10.14
N PHE C 43 -27.38 -9.57 -10.17
CA PHE C 43 -28.33 -8.92 -9.26
C PHE C 43 -29.74 -9.50 -9.45
N HIS C 44 -30.16 -9.62 -10.71
CA HIS C 44 -31.48 -10.18 -11.05
C HIS C 44 -31.64 -11.61 -10.51
N ARG C 45 -30.65 -12.46 -10.77
CA ARG C 45 -30.62 -13.83 -10.28
C ARG C 45 -30.82 -13.86 -8.76
N GLU C 46 -30.17 -12.93 -8.07
CA GLU C 46 -30.21 -12.91 -6.62
C GLU C 46 -31.38 -12.14 -6.01
N GLY C 47 -32.36 -11.77 -6.84
CA GLY C 47 -33.65 -11.25 -6.35
C GLY C 47 -33.79 -9.75 -6.21
N ALA C 48 -32.83 -9.00 -6.73
CA ALA C 48 -32.89 -7.52 -6.67
C ALA C 48 -33.87 -6.98 -7.71
N GLN C 49 -34.59 -5.92 -7.33
CA GLN C 49 -35.34 -5.12 -8.31
C GLN C 49 -34.37 -4.08 -8.88
N LEU C 50 -34.52 -3.78 -10.17
CA LEU C 50 -33.54 -2.98 -10.91
C LEU C 50 -34.13 -1.76 -11.58
N ALA C 51 -33.33 -0.68 -11.61
CA ALA C 51 -33.60 0.54 -12.37
C ALA C 51 -32.31 0.88 -13.12
N PHE C 52 -32.46 1.44 -14.30
CA PHE C 52 -31.32 1.71 -15.17
C PHE C 52 -31.25 3.16 -15.63
N THR C 53 -30.02 3.68 -15.71
CA THR C 53 -29.76 4.92 -16.45
C THR C 53 -29.30 4.55 -17.87
N TYR C 54 -29.54 5.45 -18.82
CA TYR C 54 -28.86 5.39 -20.11
C TYR C 54 -28.16 6.71 -20.34
N ALA C 55 -26.92 6.66 -20.83
CA ALA C 55 -26.06 7.85 -20.93
C ALA C 55 -26.45 8.86 -22.00
N THR C 56 -26.95 8.36 -23.13
CA THR C 56 -27.29 9.18 -24.29
C THR C 56 -28.59 8.67 -24.93
N PRO C 57 -29.32 9.54 -25.67
CA PRO C 57 -30.56 9.09 -26.32
C PRO C 57 -30.37 7.86 -27.23
N LYS C 58 -29.23 7.75 -27.90
CA LYS C 58 -28.97 6.63 -28.83
C LYS C 58 -28.85 5.29 -28.12
N LEU C 59 -28.75 5.31 -26.79
CA LEU C 59 -28.64 4.08 -26.01
C LEU C 59 -29.98 3.67 -25.38
N GLU C 60 -30.98 4.55 -25.46
CA GLU C 60 -32.26 4.32 -24.78
C GLU C 60 -32.93 3.01 -25.17
N LYS C 61 -32.97 2.71 -26.48
CA LYS C 61 -33.68 1.53 -26.95
C LYS C 61 -33.08 0.24 -26.39
N ARG C 62 -31.77 0.07 -26.54
CA ARG C 62 -31.07 -1.11 -26.04
C ARG C 62 -31.22 -1.28 -24.51
N VAL C 63 -31.05 -0.18 -23.77
CA VAL C 63 -31.16 -0.22 -22.30
C VAL C 63 -32.58 -0.58 -21.86
N ARG C 64 -33.59 -0.04 -22.55
CA ARG C 64 -34.98 -0.40 -22.27
C ARG C 64 -35.25 -1.89 -22.49
N GLU C 65 -34.74 -2.42 -23.61
CA GLU C 65 -34.87 -3.85 -23.92
C GLU C 65 -34.17 -4.72 -22.86
N ILE C 66 -32.94 -4.35 -22.51
CA ILE C 66 -32.20 -5.04 -21.45
C ILE C 66 -32.99 -5.01 -20.14
N ALA C 67 -33.48 -3.84 -19.73
CA ALA C 67 -34.24 -3.73 -18.49
C ALA C 67 -35.48 -4.63 -18.50
N LYS C 68 -36.19 -4.62 -19.62
CA LYS C 68 -37.39 -5.44 -19.82
C LYS C 68 -37.06 -6.93 -19.70
N GLY C 69 -35.94 -7.34 -20.29
CA GLY C 69 -35.45 -8.71 -20.16
C GLY C 69 -35.20 -9.15 -18.72
N PHE C 70 -35.02 -8.17 -17.82
CA PHE C 70 -34.88 -8.45 -16.39
C PHE C 70 -36.17 -8.15 -15.64
N GLY C 71 -37.24 -7.88 -16.39
CA GLY C 71 -38.54 -7.54 -15.78
C GLY C 71 -38.65 -6.11 -15.24
N SER C 72 -37.81 -5.20 -15.75
CA SER C 72 -37.82 -3.82 -15.28
C SER C 72 -38.32 -2.87 -16.37
N ASP C 73 -39.16 -1.92 -15.97
CA ASP C 73 -39.60 -0.84 -16.85
C ASP C 73 -39.01 0.51 -16.41
N LEU C 74 -38.05 0.46 -15.49
CA LEU C 74 -37.54 1.68 -14.88
C LEU C 74 -36.22 2.11 -15.51
N VAL C 75 -36.34 2.98 -16.51
CA VAL C 75 -35.21 3.43 -17.31
C VAL C 75 -35.26 4.95 -17.40
N VAL C 76 -34.14 5.62 -17.14
CA VAL C 76 -34.10 7.08 -17.16
C VAL C 76 -32.81 7.59 -17.77
N LYS C 77 -32.91 8.62 -18.59
CA LYS C 77 -31.74 9.28 -19.18
C LYS C 77 -30.95 9.94 -18.07
N CYS C 78 -29.63 9.77 -18.10
CA CYS C 78 -28.76 10.47 -17.14
C CYS C 78 -27.34 10.65 -17.67
N ASP C 79 -27.06 11.87 -18.11
CA ASP C 79 -25.72 12.31 -18.45
C ASP C 79 -25.13 12.82 -17.12
N VAL C 80 -24.16 12.10 -16.58
CA VAL C 80 -23.60 12.43 -15.26
C VAL C 80 -22.75 13.72 -15.22
N SER C 81 -22.42 14.25 -16.39
CA SER C 81 -21.77 15.56 -16.44
C SER C 81 -22.76 16.70 -16.13
N LEU C 82 -24.06 16.38 -16.08
CA LEU C 82 -25.10 17.40 -15.84
C LEU C 82 -25.78 17.29 -14.47
N ASP C 83 -25.58 18.31 -13.66
CA ASP C 83 -26.23 18.43 -12.35
C ASP C 83 -27.73 18.15 -12.42
N GLU C 84 -28.38 18.72 -13.44
CA GLU C 84 -29.84 18.59 -13.61
C GLU C 84 -30.28 17.14 -13.84
N ASP C 85 -29.49 16.38 -14.58
CA ASP C 85 -29.73 14.96 -14.79
C ASP C 85 -29.58 14.13 -13.51
N ILE C 86 -28.63 14.50 -12.67
CA ILE C 86 -28.47 13.84 -11.37
C ILE C 86 -29.69 14.10 -10.47
N LYS C 87 -30.13 15.35 -10.39
CA LYS C 87 -31.33 15.70 -9.62
C LYS C 87 -32.58 15.01 -10.18
N ASN C 88 -32.69 14.96 -11.51
CA ASN C 88 -33.80 14.28 -12.16
C ASN C 88 -33.83 12.78 -11.86
N LEU C 89 -32.65 12.16 -11.76
CA LEU C 89 -32.54 10.76 -11.37
C LEU C 89 -33.10 10.54 -9.96
N LYS C 90 -32.75 11.42 -9.01
CA LYS C 90 -33.31 11.36 -7.66
C LYS C 90 -34.85 11.40 -7.69
N LYS C 91 -35.38 12.36 -8.44
CA LYS C 91 -36.83 12.53 -8.59
C LYS C 91 -37.52 11.29 -9.16
N PHE C 92 -36.94 10.73 -10.24
CA PHE C 92 -37.42 9.49 -10.86
C PHE C 92 -37.48 8.31 -9.88
N LEU C 93 -36.44 8.18 -9.06
CA LEU C 93 -36.40 7.12 -8.04
C LEU C 93 -37.35 7.40 -6.88
N GLU C 94 -37.41 8.66 -6.42
CA GLU C 94 -38.39 9.09 -5.42
C GLU C 94 -39.81 8.71 -5.84
N GLU C 95 -40.15 8.98 -7.10
CA GLU C 95 -41.51 8.78 -7.61
C GLU C 95 -41.87 7.31 -7.82
N ASN C 96 -40.92 6.52 -8.28
CA ASN C 96 -41.20 5.13 -8.65
C ASN C 96 -40.94 4.11 -7.54
N TRP C 97 -39.98 4.41 -6.66
CA TRP C 97 -39.62 3.52 -5.55
C TRP C 97 -39.80 4.19 -4.20
N GLY C 98 -39.31 5.42 -4.07
CA GLY C 98 -39.39 6.14 -2.79
C GLY C 98 -38.29 5.75 -1.80
N SER C 99 -37.49 4.75 -2.18
CA SER C 99 -36.31 4.39 -1.39
C SER C 99 -35.30 3.66 -2.30
N LEU C 100 -34.11 3.39 -1.77
CA LEU C 100 -33.04 2.78 -2.57
C LEU C 100 -32.09 2.00 -1.68
N ASP C 101 -31.61 0.85 -2.17
CA ASP C 101 -30.63 0.07 -1.40
C ASP C 101 -29.22 0.14 -1.93
N ILE C 102 -29.07 0.09 -3.26
CA ILE C 102 -27.76 -0.13 -3.90
C ILE C 102 -27.56 0.83 -5.06
N ILE C 103 -26.34 1.33 -5.21
CA ILE C 103 -25.92 2.04 -6.40
C ILE C 103 -24.75 1.28 -7.03
N VAL C 104 -24.90 0.93 -8.30
CA VAL C 104 -23.81 0.37 -9.08
C VAL C 104 -23.29 1.46 -10.02
N HIS C 105 -22.04 1.87 -9.78
CA HIS C 105 -21.42 2.94 -10.56
C HIS C 105 -20.41 2.33 -11.51
N SER C 106 -20.78 2.29 -12.80
CA SER C 106 -19.91 1.77 -13.83
C SER C 106 -19.83 2.77 -14.98
N ILE C 107 -19.05 3.82 -14.77
CA ILE C 107 -19.03 5.00 -15.65
C ILE C 107 -17.58 5.46 -15.72
N ALA C 108 -16.98 5.35 -16.88
CA ALA C 108 -15.58 5.72 -17.04
C ALA C 108 -15.39 6.11 -18.48
N TYR C 109 -14.76 7.27 -18.70
CA TYR C 109 -14.58 7.81 -20.03
C TYR C 109 -13.50 8.88 -20.10
N ALA C 110 -12.72 8.83 -21.17
CA ALA C 110 -11.81 9.90 -21.58
C ALA C 110 -11.87 9.93 -23.10
N PRO C 111 -11.73 11.12 -23.71
CA PRO C 111 -11.72 11.17 -25.18
C PRO C 111 -10.63 10.23 -25.73
N LYS C 112 -10.90 9.61 -26.88
CA LYS C 112 -10.04 8.52 -27.37
C LYS C 112 -8.59 8.97 -27.66
N GLU C 113 -8.44 10.24 -28.02
CA GLU C 113 -7.13 10.86 -28.25
C GLU C 113 -6.20 10.74 -27.04
N GLU C 114 -6.78 10.78 -25.84
CA GLU C 114 -5.99 10.70 -24.60
C GLU C 114 -5.19 9.40 -24.46
N PHE C 115 -5.64 8.34 -25.13
CA PHE C 115 -5.00 7.02 -25.04
C PHE C 115 -3.87 6.81 -26.04
N LYS C 116 -3.73 7.76 -26.96
CA LYS C 116 -2.59 7.83 -27.86
C LYS C 116 -1.45 8.51 -27.10
N GLY C 117 -0.23 8.02 -27.33
CA GLY C 117 0.94 8.51 -26.62
C GLY C 117 0.94 8.10 -25.16
N GLY C 118 1.50 8.98 -24.32
CA GLY C 118 1.58 8.71 -22.88
C GLY C 118 0.76 9.72 -22.11
N VAL C 119 0.75 9.60 -20.79
CA VAL C 119 0.17 10.60 -19.91
C VAL C 119 0.74 12.00 -20.20
N ILE C 120 2.03 12.05 -20.54
CA ILE C 120 2.67 13.32 -20.88
C ILE C 120 1.93 14.10 -22.00
N ASP C 121 1.17 13.38 -22.83
CA ASP C 121 0.48 13.97 -23.97
C ASP C 121 -0.98 14.37 -23.68
N THR C 122 -1.40 14.18 -22.43
CA THR C 122 -2.78 14.45 -22.03
C THR C 122 -3.14 15.93 -22.21
N SER C 123 -4.27 16.20 -22.87
CA SER C 123 -4.76 17.55 -22.99
C SER C 123 -5.49 17.98 -21.71
N ARG C 124 -5.51 19.28 -21.45
CA ARG C 124 -6.22 19.82 -20.30
C ARG C 124 -7.72 19.49 -20.32
N GLU C 125 -8.37 19.74 -21.44
CA GLU C 125 -9.82 19.46 -21.53
C GLU C 125 -10.10 17.97 -21.40
N GLY C 126 -9.28 17.14 -22.04
CA GLY C 126 -9.43 15.68 -21.95
C GLY C 126 -9.26 15.17 -20.52
N PHE C 127 -8.28 15.72 -19.82
CA PHE C 127 -8.08 15.47 -18.38
C PHE C 127 -9.32 15.86 -17.56
N LYS C 128 -9.81 17.07 -17.77
CA LYS C 128 -11.01 17.54 -17.05
C LYS C 128 -12.19 16.61 -17.27
N ILE C 129 -12.41 16.24 -18.54
CA ILE C 129 -13.52 15.36 -18.89
C ILE C 129 -13.35 14.00 -18.22
N ALA C 130 -12.16 13.40 -18.35
CA ALA C 130 -11.89 12.10 -17.72
C ALA C 130 -12.23 12.09 -16.23
N MET C 131 -11.70 13.07 -15.49
CA MET C 131 -11.92 13.15 -14.04
C MET C 131 -13.36 13.38 -13.68
N ASP C 132 -14.04 14.24 -14.43
CA ASP C 132 -15.42 14.61 -14.13
C ASP C 132 -16.36 13.41 -14.31
N ILE C 133 -16.24 12.74 -15.45
CA ILE C 133 -17.10 11.60 -15.81
C ILE C 133 -16.74 10.36 -14.98
N SER C 134 -15.44 10.07 -14.87
CA SER C 134 -15.00 8.82 -14.27
C SER C 134 -14.93 8.87 -12.75
N VAL C 135 -14.84 10.06 -12.16
CA VAL C 135 -14.64 10.18 -10.71
C VAL C 135 -15.70 11.05 -10.03
N TYR C 136 -15.83 12.30 -10.48
CA TYR C 136 -16.78 13.19 -9.82
C TYR C 136 -18.21 12.64 -9.85
N SER C 137 -18.58 11.98 -10.94
CA SER C 137 -19.92 11.41 -11.07
C SER C 137 -20.30 10.53 -9.87
N LEU C 138 -19.32 9.80 -9.32
CA LEU C 138 -19.57 8.99 -8.14
C LEU C 138 -19.97 9.82 -6.92
N ILE C 139 -19.25 10.92 -6.70
CA ILE C 139 -19.58 11.86 -5.62
C ILE C 139 -21.00 12.44 -5.78
N ALA C 140 -21.30 12.89 -6.99
CA ALA C 140 -22.58 13.51 -7.29
C ALA C 140 -23.74 12.51 -7.10
N LEU C 141 -23.59 11.30 -7.61
CA LEU C 141 -24.61 10.26 -7.41
C LEU C 141 -24.80 9.89 -5.94
N THR C 142 -23.68 9.70 -5.24
CA THR C 142 -23.71 9.35 -3.82
C THR C 142 -24.40 10.44 -2.97
N ARG C 143 -23.97 11.69 -3.15
CA ARG C 143 -24.60 12.80 -2.43
C ARG C 143 -26.11 12.88 -2.70
N GLU C 144 -26.49 12.84 -3.97
CA GLU C 144 -27.87 13.05 -4.37
C GLU C 144 -28.79 11.93 -3.95
N LEU C 145 -28.28 10.70 -3.99
CA LEU C 145 -29.14 9.54 -3.76
C LEU C 145 -29.10 9.03 -2.31
N LEU C 146 -28.14 9.51 -1.52
CA LEU C 146 -28.05 9.04 -0.12
C LEU C 146 -29.39 9.17 0.67
N PRO C 147 -30.09 10.32 0.57
CA PRO C 147 -31.38 10.42 1.30
C PRO C 147 -32.35 9.27 1.05
N LEU C 148 -32.43 8.80 -0.19
CA LEU C 148 -33.26 7.65 -0.55
C LEU C 148 -32.87 6.36 0.16
N MET C 149 -31.61 6.28 0.59
CA MET C 149 -31.11 5.08 1.28
C MET C 149 -31.31 5.11 2.81
N GLU C 150 -31.84 6.21 3.32
CA GLU C 150 -31.87 6.43 4.77
C GLU C 150 -32.57 5.27 5.48
N GLY C 151 -31.91 4.76 6.52
CA GLY C 151 -32.39 3.61 7.28
C GLY C 151 -32.36 2.26 6.58
N ARG C 152 -31.73 2.20 5.40
CA ARG C 152 -31.69 0.94 4.63
C ARG C 152 -30.39 0.14 4.76
N ASN C 153 -29.35 0.75 5.32
CA ASN C 153 -28.00 0.13 5.29
C ASN C 153 -27.62 -0.23 3.86
N GLY C 154 -27.37 0.80 3.07
CA GLY C 154 -27.14 0.64 1.64
C GLY C 154 -25.70 0.29 1.31
N ALA C 155 -25.49 0.02 0.03
CA ALA C 155 -24.19 -0.34 -0.48
C ALA C 155 -23.99 0.27 -1.86
N ILE C 156 -22.79 0.79 -2.10
CA ILE C 156 -22.40 1.33 -3.40
C ILE C 156 -21.20 0.51 -3.89
N VAL C 157 -21.15 0.24 -5.18
CA VAL C 157 -19.97 -0.40 -5.74
C VAL C 157 -19.60 0.34 -7.03
N THR C 158 -18.30 0.54 -7.20
CA THR C 158 -17.74 1.14 -8.41
C THR C 158 -16.68 0.22 -9.02
N LEU C 159 -16.26 0.55 -10.24
CA LEU C 159 -15.28 -0.26 -10.98
C LEU C 159 -13.92 0.47 -11.11
N SER C 160 -12.84 -0.27 -10.91
CA SER C 160 -11.49 0.25 -11.12
C SER C 160 -10.65 -0.74 -11.94
N TYR C 161 -9.36 -0.45 -12.06
CA TYR C 161 -8.45 -1.29 -12.84
C TYR C 161 -7.03 -1.11 -12.29
N TYR C 162 -6.21 -2.15 -12.46
CA TYR C 162 -4.83 -2.21 -11.96
C TYR C 162 -3.96 -1.01 -12.39
N GLY C 163 -4.35 -0.38 -13.49
CA GLY C 163 -3.68 0.83 -13.98
C GLY C 163 -3.75 2.02 -13.02
N ALA C 164 -4.61 1.93 -12.01
CA ALA C 164 -4.67 2.87 -10.90
C ALA C 164 -3.42 2.78 -10.01
N GLU C 165 -2.85 1.58 -9.92
CA GLU C 165 -1.78 1.34 -8.95
C GLU C 165 -0.42 1.16 -9.60
N LYS C 166 -0.43 0.64 -10.82
CA LYS C 166 0.80 0.44 -11.61
C LYS C 166 0.61 1.03 -13.01
N VAL C 167 1.71 1.23 -13.73
CA VAL C 167 1.65 1.73 -15.10
C VAL C 167 1.19 0.62 -16.04
N VAL C 168 0.03 0.84 -16.69
CA VAL C 168 -0.39 0.02 -17.81
C VAL C 168 -0.32 0.93 -19.05
N PRO C 169 0.69 0.72 -19.92
CA PRO C 169 0.91 1.64 -21.04
C PRO C 169 -0.36 1.82 -21.87
N HIS C 170 -0.61 3.06 -22.28
CA HIS C 170 -1.81 3.46 -23.04
C HIS C 170 -3.08 3.64 -22.21
N TYR C 171 -3.08 3.15 -20.97
CA TYR C 171 -4.22 3.40 -20.08
C TYR C 171 -4.24 4.86 -19.67
N ASN C 172 -3.04 5.45 -19.55
CA ASN C 172 -2.86 6.89 -19.50
C ASN C 172 -3.75 7.59 -18.49
N VAL C 173 -4.53 8.58 -18.93
CA VAL C 173 -5.30 9.40 -18.00
C VAL C 173 -6.29 8.57 -17.15
N MET C 174 -6.75 7.44 -17.70
CA MET C 174 -7.67 6.57 -16.96
C MET C 174 -6.98 5.93 -15.74
N GLY C 175 -5.67 5.75 -15.81
CA GLY C 175 -4.89 5.25 -14.67
C GLY C 175 -4.85 6.27 -13.55
N ILE C 176 -4.78 7.55 -13.94
CA ILE C 176 -4.86 8.66 -13.02
C ILE C 176 -6.28 8.73 -12.45
N ALA C 177 -7.28 8.65 -13.34
CA ALA C 177 -8.68 8.72 -12.91
C ALA C 177 -9.02 7.60 -11.93
N LYS C 178 -8.56 6.39 -12.22
CA LYS C 178 -8.85 5.25 -11.34
C LYS C 178 -8.14 5.34 -9.98
N ALA C 179 -6.92 5.86 -9.95
CA ALA C 179 -6.27 6.16 -8.67
C ALA C 179 -7.09 7.18 -7.85
N ALA C 180 -7.59 8.22 -8.52
CA ALA C 180 -8.46 9.22 -7.86
C ALA C 180 -9.74 8.56 -7.36
N LEU C 181 -10.31 7.68 -8.18
CA LEU C 181 -11.54 6.96 -7.84
C LEU C 181 -11.41 6.12 -6.59
N GLU C 182 -10.30 5.37 -6.48
CA GLU C 182 -10.10 4.54 -5.29
C GLU C 182 -9.96 5.37 -4.04
N SER C 183 -9.29 6.52 -4.14
CA SER C 183 -9.23 7.47 -3.02
C SER C 183 -10.63 8.02 -2.67
N THR C 184 -11.42 8.31 -3.71
CA THR C 184 -12.77 8.83 -3.55
C THR C 184 -13.64 7.83 -2.77
N VAL C 185 -13.50 6.54 -3.13
CA VAL C 185 -14.15 5.44 -2.41
C VAL C 185 -13.83 5.47 -0.91
N ARG C 186 -12.55 5.64 -0.56
CA ARG C 186 -12.14 5.74 0.85
C ARG C 186 -12.83 6.91 1.54
N TYR C 187 -12.76 8.11 0.95
CA TYR C 187 -13.36 9.29 1.61
C TYR C 187 -14.88 9.16 1.74
N LEU C 188 -15.53 8.66 0.69
CA LEU C 188 -16.98 8.45 0.70
C LEU C 188 -17.38 7.40 1.74
N ALA C 189 -16.57 6.36 1.91
CA ALA C 189 -16.81 5.34 2.94
C ALA C 189 -16.89 6.00 4.33
N TYR C 190 -15.92 6.89 4.60
CA TYR C 190 -15.92 7.69 5.81
C TYR C 190 -17.19 8.53 5.96
N ASP C 191 -17.59 9.21 4.88
CA ASP C 191 -18.80 10.05 4.87
C ASP C 191 -20.07 9.26 5.15
N ILE C 192 -20.25 8.15 4.46
CA ILE C 192 -21.56 7.51 4.44
C ILE C 192 -21.78 6.48 5.54
N ALA C 193 -20.71 6.06 6.19
CA ALA C 193 -20.81 5.15 7.33
C ALA C 193 -21.66 5.73 8.46
N LYS C 194 -21.64 7.06 8.59
CA LYS C 194 -22.47 7.81 9.56
C LYS C 194 -23.96 7.54 9.36
N HIS C 195 -24.32 7.17 8.13
CA HIS C 195 -25.72 6.90 7.78
C HIS C 195 -26.01 5.42 7.59
N GLY C 196 -25.03 4.57 7.90
CA GLY C 196 -25.22 3.12 7.87
C GLY C 196 -24.88 2.41 6.58
N HIS C 197 -24.24 3.12 5.66
CA HIS C 197 -24.00 2.62 4.29
C HIS C 197 -22.53 2.30 4.03
N ARG C 198 -22.30 1.50 2.98
CA ARG C 198 -20.96 1.06 2.57
C ARG C 198 -20.69 1.38 1.09
N ILE C 199 -19.41 1.53 0.74
CA ILE C 199 -19.00 1.73 -0.66
C ILE C 199 -17.64 1.07 -0.88
N ASN C 200 -17.53 0.29 -1.96
CA ASN C 200 -16.32 -0.45 -2.30
C ASN C 200 -16.08 -0.39 -3.79
N ALA C 201 -14.89 -0.78 -4.22
CA ALA C 201 -14.54 -0.82 -5.64
C ALA C 201 -14.15 -2.24 -6.04
N ILE C 202 -14.54 -2.64 -7.24
CA ILE C 202 -14.02 -3.86 -7.84
C ILE C 202 -12.96 -3.46 -8.87
N SER C 203 -11.72 -3.90 -8.65
CA SER C 203 -10.66 -3.68 -9.62
C SER C 203 -10.66 -4.90 -10.55
N ALA C 204 -11.24 -4.71 -11.73
CA ALA C 204 -11.48 -5.80 -12.65
C ALA C 204 -10.32 -5.97 -13.60
N GLY C 205 -9.98 -7.21 -13.93
CA GLY C 205 -9.05 -7.47 -15.00
C GLY C 205 -9.77 -7.21 -16.31
N PRO C 206 -9.07 -7.31 -17.42
CA PRO C 206 -9.73 -7.17 -18.72
C PRO C 206 -10.77 -8.23 -18.88
N VAL C 207 -11.87 -7.80 -19.45
CA VAL C 207 -13.02 -8.61 -19.59
C VAL C 207 -13.06 -9.45 -20.90
N PRO C 234 -7.99 -13.22 -18.98
CA PRO C 234 -9.21 -12.43 -18.90
C PRO C 234 -10.27 -13.04 -17.98
N ILE C 235 -10.97 -12.15 -17.27
CA ILE C 235 -12.12 -12.52 -16.46
C ILE C 235 -13.38 -12.34 -17.29
N THR C 236 -14.53 -12.65 -16.71
CA THR C 236 -15.81 -12.43 -17.35
C THR C 236 -16.60 -11.36 -16.59
N ILE C 237 -17.64 -10.84 -17.24
CA ILE C 237 -18.53 -9.85 -16.61
C ILE C 237 -19.31 -10.49 -15.48
N GLU C 238 -19.45 -11.82 -15.54
CA GLU C 238 -20.11 -12.60 -14.49
C GLU C 238 -19.27 -12.70 -13.21
N ASP C 239 -17.94 -12.76 -13.37
CA ASP C 239 -17.01 -12.69 -12.24
C ASP C 239 -17.20 -11.40 -11.47
N VAL C 240 -17.31 -10.29 -12.20
CA VAL C 240 -17.60 -8.97 -11.62
C VAL C 240 -18.98 -8.96 -10.95
N GLY C 241 -19.99 -9.48 -11.66
CA GLY C 241 -21.36 -9.48 -11.15
C GLY C 241 -21.54 -10.23 -9.84
N ASP C 242 -20.99 -11.43 -9.77
CA ASP C 242 -21.08 -12.22 -8.54
C ASP C 242 -20.31 -11.57 -7.38
N THR C 243 -19.17 -10.95 -7.69
CA THR C 243 -18.44 -10.18 -6.67
C THR C 243 -19.27 -8.96 -6.22
N ALA C 244 -19.88 -8.26 -7.17
CA ALA C 244 -20.77 -7.14 -6.85
C ALA C 244 -21.94 -7.54 -5.94
N VAL C 245 -22.55 -8.70 -6.21
CA VAL C 245 -23.66 -9.16 -5.38
C VAL C 245 -23.17 -9.27 -3.94
N PHE C 246 -22.05 -9.95 -3.75
CA PHE C 246 -21.51 -10.14 -2.41
C PHE C 246 -21.26 -8.79 -1.74
N LEU C 247 -20.56 -7.90 -2.43
CA LEU C 247 -20.17 -6.61 -1.84
C LEU C 247 -21.36 -5.73 -1.57
N CYS C 248 -22.44 -5.92 -2.33
CA CYS C 248 -23.64 -5.13 -2.13
C CYS C 248 -24.67 -5.83 -1.26
N SER C 249 -24.29 -7.00 -0.72
CA SER C 249 -25.17 -7.78 0.16
C SER C 249 -24.83 -7.54 1.64
N ASP C 250 -25.73 -7.95 2.52
CA ASP C 250 -25.44 -7.87 3.96
C ASP C 250 -24.33 -8.82 4.44
N TRP C 251 -23.93 -9.78 3.60
CA TRP C 251 -22.79 -10.62 3.94
C TRP C 251 -21.49 -9.81 4.01
N ALA C 252 -21.46 -8.69 3.28
CA ALA C 252 -20.27 -7.82 3.24
C ALA C 252 -20.40 -6.63 4.18
N ARG C 253 -21.24 -6.77 5.20
CA ARG C 253 -21.57 -5.66 6.11
C ARG C 253 -20.35 -5.02 6.82
N ALA C 254 -19.26 -5.78 6.94
CA ALA C 254 -18.06 -5.29 7.58
C ALA C 254 -17.00 -4.79 6.61
N ILE C 255 -17.34 -4.71 5.32
CA ILE C 255 -16.40 -4.31 4.27
C ILE C 255 -16.81 -2.99 3.68
N THR C 256 -15.94 -2.01 3.85
CA THR C 256 -16.16 -0.70 3.26
C THR C 256 -14.85 0.00 2.94
N GLY C 257 -14.87 0.82 1.90
CA GLY C 257 -13.66 1.51 1.42
C GLY C 257 -12.59 0.57 0.88
N GLU C 258 -13.02 -0.63 0.47
CA GLU C 258 -12.09 -1.67 0.02
C GLU C 258 -12.04 -1.72 -1.50
N VAL C 259 -10.88 -2.13 -2.03
CA VAL C 259 -10.71 -2.41 -3.45
C VAL C 259 -10.46 -3.91 -3.55
N VAL C 260 -11.38 -4.63 -4.19
CA VAL C 260 -11.26 -6.07 -4.34
C VAL C 260 -10.84 -6.37 -5.78
N HIS C 261 -9.71 -7.06 -5.95
CA HIS C 261 -9.22 -7.44 -7.28
C HIS C 261 -9.92 -8.69 -7.84
N VAL C 262 -10.59 -8.52 -8.98
CA VAL C 262 -11.31 -9.62 -9.65
C VAL C 262 -10.58 -9.71 -10.99
N ASP C 263 -9.51 -10.49 -10.99
CA ASP C 263 -8.54 -10.37 -12.08
C ASP C 263 -7.75 -11.64 -12.30
N ASN C 264 -8.26 -12.77 -11.78
CA ASN C 264 -7.54 -14.06 -11.83
C ASN C 264 -6.14 -14.01 -11.24
N GLY C 265 -5.91 -13.12 -10.28
CA GLY C 265 -4.63 -13.03 -9.59
C GLY C 265 -3.57 -12.19 -10.28
N TYR C 266 -3.95 -11.48 -11.35
CA TYR C 266 -2.98 -10.69 -12.10
C TYR C 266 -2.19 -9.76 -11.19
N HIS C 267 -2.89 -9.11 -10.26
CA HIS C 267 -2.30 -8.14 -9.34
C HIS C 267 -1.10 -8.65 -8.52
N ILE C 268 -0.99 -9.96 -8.29
CA ILE C 268 0.06 -10.48 -7.42
C ILE C 268 1.45 -10.50 -8.07
N MET C 269 1.48 -10.46 -9.41
CA MET C 269 2.71 -10.78 -10.13
C MET C 269 3.74 -9.66 -10.14
N GLY C 270 5.01 -10.04 -10.00
CA GLY C 270 6.11 -9.08 -10.04
C GLY C 270 6.99 -9.22 -11.27
N VAL C 271 6.69 -10.23 -12.09
CA VAL C 271 7.37 -10.44 -13.38
C VAL C 271 6.34 -10.66 -14.49
N GLY D 17 32.00 16.36 4.01
CA GLY D 17 31.13 15.37 3.38
C GLY D 17 30.00 14.94 4.29
N LEU D 18 28.98 14.28 3.74
CA LEU D 18 27.71 14.04 4.42
C LEU D 18 27.76 13.27 5.74
N LEU D 19 28.73 12.36 5.85
CA LEU D 19 28.83 11.49 7.02
C LEU D 19 30.06 11.76 7.92
N GLU D 20 30.57 13.01 7.89
CA GLU D 20 31.74 13.39 8.67
C GLU D 20 31.49 13.29 10.17
N GLY D 21 32.42 12.63 10.86
CA GLY D 21 32.30 12.41 12.29
C GLY D 21 31.37 11.26 12.66
N LYS D 22 30.81 10.59 11.65
CA LYS D 22 29.89 9.46 11.91
C LYS D 22 30.63 8.13 11.91
N ARG D 23 30.25 7.25 12.84
CA ARG D 23 30.82 5.92 12.89
C ARG D 23 29.77 4.88 12.50
N ALA D 24 30.09 4.09 11.48
CA ALA D 24 29.17 3.12 10.88
C ALA D 24 29.68 1.70 10.97
N LEU D 25 28.82 0.83 11.48
CA LEU D 25 29.04 -0.61 11.38
C LEU D 25 28.46 -1.12 10.07
N ILE D 26 29.28 -1.83 9.30
CA ILE D 26 28.86 -2.47 8.06
C ILE D 26 28.83 -3.99 8.21
N THR D 27 27.64 -4.58 8.07
CA THR D 27 27.51 -6.02 8.02
C THR D 27 27.33 -6.47 6.58
N GLY D 28 27.69 -7.72 6.28
CA GLY D 28 27.37 -8.34 4.99
C GLY D 28 28.37 -8.21 3.85
N VAL D 29 29.58 -7.75 4.15
CA VAL D 29 30.62 -7.73 3.13
C VAL D 29 31.20 -9.14 3.01
N ALA D 30 31.16 -9.69 1.80
CA ALA D 30 31.77 -10.97 1.48
C ALA D 30 32.94 -10.75 0.51
N ASN D 31 32.73 -9.82 -0.42
CA ASN D 31 33.72 -9.44 -1.43
C ASN D 31 33.35 -8.07 -2.04
N GLU D 32 34.07 -7.67 -3.08
CA GLU D 32 33.90 -6.35 -3.70
C GLU D 32 32.63 -6.23 -4.55
N ARG D 33 31.89 -7.33 -4.69
CA ARG D 33 30.61 -7.32 -5.40
C ARG D 33 29.43 -7.31 -4.44
N SER D 34 29.71 -7.45 -3.14
CA SER D 34 28.69 -7.38 -2.11
C SER D 34 27.98 -6.03 -2.14
N ILE D 35 26.66 -6.03 -1.98
CA ILE D 35 25.94 -4.77 -1.88
C ILE D 35 26.53 -3.91 -0.75
N ALA D 36 26.89 -4.55 0.37
CA ALA D 36 27.50 -3.86 1.49
C ALA D 36 28.84 -3.22 1.12
N TYR D 37 29.54 -3.76 0.12
CA TYR D 37 30.80 -3.13 -0.32
C TYR D 37 30.51 -1.75 -0.95
N GLY D 38 29.47 -1.68 -1.77
CA GLY D 38 29.07 -0.41 -2.40
C GLY D 38 28.67 0.61 -1.37
N ILE D 39 27.96 0.16 -0.34
CA ILE D 39 27.60 1.03 0.78
C ILE D 39 28.86 1.52 1.51
N ALA D 40 29.77 0.60 1.84
CA ALA D 40 31.02 0.99 2.51
C ALA D 40 31.81 2.01 1.68
N LYS D 41 31.84 1.80 0.37
CA LYS D 41 32.54 2.68 -0.57
C LYS D 41 31.97 4.11 -0.53
N SER D 42 30.64 4.23 -0.68
CA SER D 42 29.96 5.53 -0.58
C SER D 42 30.12 6.16 0.81
N PHE D 43 30.04 5.33 1.84
CA PHE D 43 30.21 5.80 3.21
C PHE D 43 31.61 6.38 3.43
N HIS D 44 32.62 5.66 2.96
CA HIS D 44 34.02 6.10 3.04
C HIS D 44 34.21 7.44 2.34
N ARG D 45 33.75 7.54 1.09
CA ARG D 45 33.81 8.78 0.30
C ARG D 45 33.26 9.96 1.09
N GLU D 46 32.18 9.71 1.85
CA GLU D 46 31.49 10.77 2.57
C GLU D 46 31.96 11.00 4.01
N GLY D 47 33.10 10.41 4.37
CA GLY D 47 33.77 10.75 5.63
C GLY D 47 33.46 9.90 6.84
N ALA D 48 32.71 8.81 6.64
CA ALA D 48 32.37 7.92 7.76
C ALA D 48 33.57 7.06 8.14
N GLN D 49 33.71 6.79 9.43
CA GLN D 49 34.62 5.76 9.94
C GLN D 49 33.86 4.44 9.96
N LEU D 50 34.56 3.35 9.63
CA LEU D 50 33.93 2.07 9.36
C LEU D 50 34.46 0.94 10.24
N ALA D 51 33.55 0.01 10.56
CA ALA D 51 33.84 -1.25 11.24
C ALA D 51 33.02 -2.31 10.53
N PHE D 52 33.58 -3.51 10.42
CA PHE D 52 32.98 -4.58 9.63
C PHE D 52 32.82 -5.84 10.44
N THR D 53 31.72 -6.54 10.20
CA THR D 53 31.59 -7.93 10.63
C THR D 53 32.00 -8.83 9.46
N TYR D 54 32.44 -10.05 9.77
CA TYR D 54 32.52 -11.11 8.77
C TYR D 54 31.72 -12.29 9.30
N ALA D 55 30.94 -12.91 8.41
CA ALA D 55 29.99 -13.97 8.78
C ALA D 55 30.64 -15.29 9.23
N THR D 56 31.73 -15.66 8.56
CA THR D 56 32.38 -16.96 8.73
C THR D 56 33.91 -16.77 8.70
N PRO D 57 34.67 -17.65 9.38
CA PRO D 57 36.14 -17.53 9.37
C PRO D 57 36.76 -17.44 7.97
N LYS D 58 36.20 -18.18 7.01
CA LYS D 58 36.74 -18.19 5.65
C LYS D 58 36.59 -16.87 4.90
N LEU D 59 35.80 -15.95 5.47
CA LEU D 59 35.63 -14.61 4.92
C LEU D 59 36.50 -13.56 5.63
N GLU D 60 37.20 -13.96 6.69
CA GLU D 60 37.97 -13.01 7.48
C GLU D 60 39.02 -12.26 6.65
N LYS D 61 39.78 -13.02 5.87
CA LYS D 61 40.90 -12.43 5.13
C LYS D 61 40.44 -11.34 4.16
N ARG D 62 39.45 -11.67 3.34
CA ARG D 62 38.91 -10.73 2.35
C ARG D 62 38.31 -9.48 3.02
N VAL D 63 37.54 -9.67 4.09
CA VAL D 63 36.92 -8.54 4.81
C VAL D 63 37.97 -7.61 5.44
N ARG D 64 39.01 -8.19 6.05
CA ARG D 64 40.11 -7.40 6.61
C ARG D 64 40.84 -6.59 5.53
N GLU D 65 41.08 -7.23 4.38
CA GLU D 65 41.68 -6.57 3.23
C GLU D 65 40.82 -5.41 2.74
N ILE D 66 39.51 -5.65 2.61
CA ILE D 66 38.55 -4.59 2.23
C ILE D 66 38.57 -3.45 3.26
N ALA D 67 38.45 -3.79 4.55
CA ALA D 67 38.46 -2.77 5.61
C ALA D 67 39.72 -1.90 5.56
N LYS D 68 40.88 -2.55 5.38
CA LYS D 68 42.17 -1.86 5.31
C LYS D 68 42.19 -0.84 4.15
N GLY D 69 41.66 -1.23 3.00
CA GLY D 69 41.58 -0.35 1.83
C GLY D 69 40.73 0.89 2.08
N PHE D 70 39.87 0.81 3.09
CA PHE D 70 39.06 1.94 3.51
C PHE D 70 39.67 2.63 4.72
N GLY D 71 40.85 2.16 5.12
CA GLY D 71 41.56 2.72 6.27
C GLY D 71 41.03 2.24 7.60
N SER D 72 40.39 1.07 7.61
CA SER D 72 39.86 0.52 8.85
C SER D 72 40.59 -0.76 9.25
N ASP D 73 40.84 -0.90 10.55
CA ASP D 73 41.34 -2.16 11.12
C ASP D 73 40.32 -2.80 12.06
N LEU D 74 39.08 -2.32 12.00
CA LEU D 74 38.05 -2.78 12.92
C LEU D 74 37.17 -3.84 12.25
N VAL D 75 37.55 -5.10 12.47
CA VAL D 75 36.88 -6.24 11.86
C VAL D 75 36.62 -7.27 12.96
N VAL D 76 35.40 -7.82 12.99
CA VAL D 76 35.03 -8.76 14.05
C VAL D 76 34.13 -9.85 13.47
N LYS D 77 34.34 -11.09 13.91
CA LYS D 77 33.51 -12.22 13.50
C LYS D 77 32.13 -12.07 14.10
N CYS D 78 31.09 -12.25 13.29
CA CYS D 78 29.72 -12.21 13.81
C CYS D 78 28.75 -13.08 13.00
N ASP D 79 28.44 -14.25 13.55
CA ASP D 79 27.38 -15.10 13.06
C ASP D 79 26.12 -14.62 13.78
N VAL D 80 25.23 -13.98 13.03
CA VAL D 80 24.02 -13.37 13.63
C VAL D 80 22.98 -14.38 14.14
N SER D 81 23.17 -15.65 13.79
CA SER D 81 22.33 -16.70 14.37
C SER D 81 22.68 -16.95 15.85
N LEU D 82 23.83 -16.43 16.30
CA LEU D 82 24.32 -16.65 17.67
C LEU D 82 24.21 -15.41 18.56
N ASP D 83 23.43 -15.53 19.63
CA ASP D 83 23.26 -14.43 20.59
C ASP D 83 24.60 -13.95 21.14
N GLU D 84 25.51 -14.88 21.41
CA GLU D 84 26.81 -14.51 21.96
C GLU D 84 27.69 -13.71 21.00
N ASP D 85 27.57 -13.99 19.70
CA ASP D 85 28.27 -13.19 18.68
C ASP D 85 27.75 -11.75 18.61
N ILE D 86 26.46 -11.59 18.81
CA ILE D 86 25.86 -10.25 18.81
C ILE D 86 26.28 -9.46 20.07
N LYS D 87 26.28 -10.12 21.23
CA LYS D 87 26.78 -9.51 22.46
C LYS D 87 28.25 -9.12 22.32
N ASN D 88 29.03 -10.03 21.73
CA ASN D 88 30.45 -9.81 21.52
C ASN D 88 30.72 -8.64 20.58
N LEU D 89 29.87 -8.49 19.56
CA LEU D 89 29.97 -7.35 18.65
C LEU D 89 29.81 -6.03 19.41
N LYS D 90 28.83 -5.98 20.31
CA LYS D 90 28.62 -4.79 21.13
C LYS D 90 29.87 -4.45 21.95
N LYS D 91 30.48 -5.48 22.54
CA LYS D 91 31.71 -5.32 23.33
C LYS D 91 32.87 -4.79 22.49
N PHE D 92 33.05 -5.38 21.30
CA PHE D 92 34.05 -4.90 20.34
C PHE D 92 33.89 -3.42 20.00
N LEU D 93 32.64 -2.99 19.77
CA LEU D 93 32.35 -1.57 19.49
C LEU D 93 32.50 -0.69 20.73
N GLU D 94 32.04 -1.18 21.88
CA GLU D 94 32.21 -0.48 23.17
C GLU D 94 33.70 -0.19 23.44
N GLU D 95 34.55 -1.17 23.15
CA GLU D 95 35.98 -1.08 23.43
C GLU D 95 36.74 -0.17 22.48
N ASN D 96 36.42 -0.27 21.19
CA ASN D 96 37.16 0.44 20.15
C ASN D 96 36.62 1.83 19.83
N TRP D 97 35.30 1.99 19.96
CA TRP D 97 34.66 3.27 19.66
C TRP D 97 33.99 3.89 20.87
N GLY D 98 33.20 3.09 21.59
CA GLY D 98 32.44 3.58 22.74
C GLY D 98 31.14 4.29 22.36
N SER D 99 30.94 4.52 21.07
CA SER D 99 29.67 5.04 20.56
C SER D 99 29.45 4.56 19.13
N LEU D 100 28.26 4.82 18.59
CA LEU D 100 27.92 4.36 17.24
C LEU D 100 26.88 5.29 16.64
N ASP D 101 26.98 5.54 15.33
CA ASP D 101 25.97 6.35 14.65
C ASP D 101 25.06 5.55 13.73
N ILE D 102 25.63 4.58 13.02
CA ILE D 102 24.93 3.92 11.91
C ILE D 102 25.11 2.42 11.95
N ILE D 103 24.02 1.70 11.66
CA ILE D 103 24.11 0.27 11.35
C ILE D 103 23.61 0.02 9.94
N VAL D 104 24.47 -0.62 9.14
CA VAL D 104 24.08 -1.12 7.82
C VAL D 104 23.83 -2.62 7.92
N HIS D 105 22.58 -3.02 7.72
CA HIS D 105 22.17 -4.42 7.84
C HIS D 105 21.98 -4.97 6.44
N SER D 106 22.94 -5.77 5.99
CA SER D 106 22.90 -6.40 4.68
C SER D 106 23.15 -7.91 4.83
N ILE D 107 22.12 -8.62 5.26
CA ILE D 107 22.24 -10.02 5.70
C ILE D 107 20.94 -10.71 5.29
N ALA D 108 21.06 -11.66 4.38
CA ALA D 108 19.90 -12.36 3.88
C ALA D 108 20.37 -13.71 3.37
N TYR D 109 19.69 -14.77 3.82
CA TYR D 109 20.07 -16.12 3.47
C TYR D 109 18.91 -17.10 3.64
N ALA D 110 18.84 -18.06 2.72
CA ALA D 110 18.03 -19.28 2.86
C ALA D 110 18.82 -20.41 2.19
N PRO D 111 18.74 -21.64 2.74
CA PRO D 111 19.40 -22.75 2.04
C PRO D 111 19.01 -22.78 0.56
N LYS D 112 19.95 -23.12 -0.32
CA LYS D 112 19.74 -22.99 -1.77
C LYS D 112 18.55 -23.82 -2.28
N GLU D 113 18.32 -24.94 -1.59
CA GLU D 113 17.19 -25.83 -1.90
C GLU D 113 15.85 -25.10 -1.89
N GLU D 114 15.71 -24.10 -1.02
CA GLU D 114 14.45 -23.35 -0.88
C GLU D 114 14.04 -22.57 -2.14
N PHE D 115 15.00 -22.28 -3.01
CA PHE D 115 14.74 -21.53 -4.25
C PHE D 115 14.37 -22.43 -5.44
N LYS D 116 14.44 -23.73 -5.21
CA LYS D 116 13.92 -24.71 -6.15
C LYS D 116 12.44 -24.90 -5.85
N GLY D 117 11.65 -25.07 -6.90
CA GLY D 117 10.20 -25.19 -6.76
C GLY D 117 9.58 -23.83 -6.43
N GLY D 118 8.47 -23.87 -5.72
CA GLY D 118 7.80 -22.64 -5.29
C GLY D 118 7.84 -22.58 -3.77
N VAL D 119 7.19 -21.55 -3.22
CA VAL D 119 7.00 -21.44 -1.77
C VAL D 119 6.36 -22.68 -1.19
N ILE D 120 5.44 -23.28 -1.95
CA ILE D 120 4.75 -24.50 -1.52
C ILE D 120 5.73 -25.61 -1.11
N ASP D 121 6.96 -25.56 -1.64
CA ASP D 121 7.96 -26.61 -1.40
C ASP D 121 8.92 -26.28 -0.26
N THR D 122 8.72 -25.14 0.40
CA THR D 122 9.60 -24.69 1.47
C THR D 122 9.61 -25.69 2.64
N SER D 123 10.80 -26.07 3.10
CA SER D 123 10.93 -26.93 4.27
C SER D 123 10.79 -26.10 5.54
N ARG D 124 10.35 -26.74 6.62
CA ARG D 124 10.23 -26.08 7.92
C ARG D 124 11.56 -25.49 8.40
N GLU D 125 12.61 -26.30 8.37
CA GLU D 125 13.92 -25.83 8.84
C GLU D 125 14.47 -24.71 7.95
N GLY D 126 14.34 -24.88 6.64
CA GLY D 126 14.76 -23.83 5.70
C GLY D 126 14.03 -22.50 5.95
N PHE D 127 12.73 -22.59 6.21
CA PHE D 127 11.90 -21.43 6.57
C PHE D 127 12.43 -20.78 7.85
N LYS D 128 12.67 -21.58 8.88
CA LYS D 128 13.15 -21.08 10.18
C LYS D 128 14.48 -20.32 10.00
N ILE D 129 15.38 -20.94 9.26
CA ILE D 129 16.70 -20.36 8.99
C ILE D 129 16.56 -19.05 8.21
N ALA D 130 15.77 -19.05 7.14
CA ALA D 130 15.57 -17.83 6.33
C ALA D 130 15.10 -16.64 7.17
N MET D 131 14.08 -16.88 7.98
CA MET D 131 13.50 -15.83 8.85
C MET D 131 14.48 -15.37 9.91
N ASP D 132 15.22 -16.32 10.49
CA ASP D 132 16.14 -15.99 11.59
C ASP D 132 17.31 -15.12 11.11
N ILE D 133 17.94 -15.54 10.02
CA ILE D 133 19.09 -14.83 9.48
C ILE D 133 18.68 -13.52 8.79
N SER D 134 17.61 -13.57 8.01
CA SER D 134 17.23 -12.45 7.16
C SER D 134 16.40 -11.40 7.87
N VAL D 135 15.75 -11.77 8.98
CA VAL D 135 14.82 -10.84 9.62
C VAL D 135 15.18 -10.64 11.10
N TYR D 136 15.20 -11.73 11.86
CA TYR D 136 15.44 -11.59 13.30
C TYR D 136 16.79 -10.92 13.58
N SER D 137 17.80 -11.19 12.75
CA SER D 137 19.13 -10.59 12.95
C SER D 137 19.03 -9.06 13.08
N LEU D 138 18.13 -8.44 12.31
CA LEU D 138 17.93 -6.98 12.42
C LEU D 138 17.45 -6.55 13.79
N ILE D 139 16.45 -7.25 14.33
CA ILE D 139 15.98 -6.99 15.70
C ILE D 139 17.10 -7.15 16.75
N ALA D 140 17.87 -8.22 16.65
CA ALA D 140 18.90 -8.52 17.64
C ALA D 140 20.02 -7.47 17.59
N LEU D 141 20.47 -7.10 16.39
CA LEU D 141 21.48 -6.05 16.22
C LEU D 141 21.00 -4.69 16.72
N THR D 142 19.74 -4.35 16.39
CA THR D 142 19.17 -3.07 16.79
C THR D 142 19.05 -2.99 18.32
N ARG D 143 18.48 -4.02 18.93
CA ARG D 143 18.36 -4.05 20.38
C ARG D 143 19.73 -3.95 21.07
N GLU D 144 20.67 -4.75 20.63
CA GLU D 144 21.95 -4.85 21.29
C GLU D 144 22.77 -3.58 21.13
N LEU D 145 22.69 -2.94 19.98
CA LEU D 145 23.59 -1.83 19.69
C LEU D 145 22.96 -0.47 19.98
N LEU D 146 21.65 -0.44 20.24
CA LEU D 146 21.00 0.85 20.49
C LEU D 146 21.67 1.69 21.62
N PRO D 147 22.00 1.07 22.78
CA PRO D 147 22.68 1.88 23.82
C PRO D 147 23.92 2.65 23.35
N LEU D 148 24.71 2.05 22.46
CA LEU D 148 25.89 2.71 21.89
C LEU D 148 25.54 3.96 21.07
N MET D 149 24.30 4.04 20.59
CA MET D 149 23.82 5.16 19.77
C MET D 149 23.23 6.31 20.61
N GLU D 150 23.14 6.11 21.93
CA GLU D 150 22.44 7.05 22.80
C GLU D 150 22.92 8.48 22.62
N GLY D 151 21.97 9.39 22.44
CA GLY D 151 22.25 10.82 22.24
C GLY D 151 22.92 11.19 20.92
N ARG D 152 22.99 10.25 19.98
CA ARG D 152 23.64 10.53 18.69
C ARG D 152 22.65 10.79 17.54
N ASN D 153 21.38 10.46 17.74
CA ASN D 153 20.41 10.46 16.61
C ASN D 153 20.92 9.56 15.48
N GLY D 154 20.90 8.26 15.73
CA GLY D 154 21.44 7.28 14.80
C GLY D 154 20.52 6.93 13.66
N ALA D 155 21.04 6.12 12.75
CA ALA D 155 20.28 5.66 11.59
C ALA D 155 20.65 4.23 11.27
N ILE D 156 19.64 3.45 10.92
CA ILE D 156 19.85 2.07 10.50
C ILE D 156 19.28 1.93 9.09
N VAL D 157 19.96 1.19 8.23
CA VAL D 157 19.42 0.89 6.92
C VAL D 157 19.55 -0.61 6.68
N THR D 158 18.49 -1.19 6.12
CA THR D 158 18.50 -2.58 5.71
C THR D 158 18.15 -2.70 4.22
N LEU D 159 18.30 -3.89 3.66
CA LEU D 159 18.02 -4.14 2.25
C LEU D 159 16.81 -5.05 2.06
N SER D 160 16.02 -4.73 1.04
CA SER D 160 14.87 -5.55 0.66
C SER D 160 14.84 -5.69 -0.86
N TYR D 161 13.77 -6.30 -1.37
CA TYR D 161 13.60 -6.53 -2.80
C TYR D 161 12.10 -6.63 -3.13
N TYR D 162 11.74 -6.29 -4.36
CA TYR D 162 10.35 -6.19 -4.85
C TYR D 162 9.54 -7.48 -4.64
N GLY D 163 10.25 -8.61 -4.53
CA GLY D 163 9.67 -9.91 -4.21
C GLY D 163 8.95 -9.98 -2.86
N ALA D 164 9.19 -8.98 -2.01
CA ALA D 164 8.43 -8.77 -0.78
C ALA D 164 6.98 -8.34 -1.05
N GLU D 165 6.77 -7.69 -2.19
CA GLU D 165 5.51 -7.00 -2.48
C GLU D 165 4.70 -7.74 -3.51
N LYS D 166 5.41 -8.33 -4.46
CA LYS D 166 4.83 -9.04 -5.59
C LYS D 166 5.56 -10.38 -5.73
N VAL D 167 4.95 -11.31 -6.45
CA VAL D 167 5.57 -12.61 -6.73
C VAL D 167 6.71 -12.44 -7.73
N VAL D 168 7.92 -12.78 -7.31
CA VAL D 168 9.01 -12.99 -8.24
C VAL D 168 9.31 -14.49 -8.17
N PRO D 169 8.97 -15.23 -9.25
CA PRO D 169 9.13 -16.68 -9.22
C PRO D 169 10.54 -17.07 -8.83
N HIS D 170 10.65 -18.10 -7.99
CA HIS D 170 11.91 -18.62 -7.45
C HIS D 170 12.54 -17.82 -6.30
N TYR D 171 12.09 -16.60 -6.07
CA TYR D 171 12.56 -15.84 -4.92
C TYR D 171 12.02 -16.48 -3.64
N ASN D 172 10.82 -17.06 -3.76
CA ASN D 172 10.26 -18.00 -2.78
C ASN D 172 10.32 -17.49 -1.36
N VAL D 173 10.95 -18.24 -0.46
CA VAL D 173 10.93 -17.91 0.97
C VAL D 173 11.54 -16.53 1.25
N MET D 174 12.47 -16.09 0.39
CA MET D 174 13.06 -14.76 0.56
C MET D 174 12.03 -13.65 0.33
N GLY D 175 11.01 -13.91 -0.50
CA GLY D 175 9.93 -12.96 -0.69
C GLY D 175 9.08 -12.81 0.57
N ILE D 176 8.91 -13.91 1.27
CA ILE D 176 8.25 -13.93 2.56
C ILE D 176 9.13 -13.22 3.60
N ALA D 177 10.42 -13.57 3.64
CA ALA D 177 11.36 -12.95 4.58
C ALA D 177 11.42 -11.44 4.39
N LYS D 178 11.50 -10.99 3.14
CA LYS D 178 11.57 -9.55 2.85
C LYS D 178 10.27 -8.79 3.20
N ALA D 179 9.12 -9.42 3.01
CA ALA D 179 7.85 -8.81 3.50
C ALA D 179 7.89 -8.67 5.02
N ALA D 180 8.39 -9.70 5.70
CA ALA D 180 8.53 -9.66 7.17
C ALA D 180 9.51 -8.59 7.59
N LEU D 181 10.61 -8.48 6.85
CA LEU D 181 11.64 -7.47 7.10
C LEU D 181 11.11 -6.05 7.02
N GLU D 182 10.32 -5.76 5.99
CA GLU D 182 9.79 -4.42 5.84
C GLU D 182 8.84 -4.05 6.98
N SER D 183 8.03 -5.02 7.42
CA SER D 183 7.18 -4.83 8.60
C SER D 183 8.01 -4.60 9.88
N THR D 184 9.13 -5.32 9.98
CA THR D 184 10.06 -5.22 11.12
C THR D 184 10.63 -3.81 11.18
N VAL D 185 11.00 -3.26 10.01
CA VAL D 185 11.46 -1.88 9.88
C VAL D 185 10.42 -0.89 10.43
N ARG D 186 9.15 -1.06 10.08
CA ARG D 186 8.09 -0.20 10.63
C ARG D 186 8.03 -0.27 12.15
N TYR D 187 7.94 -1.47 12.71
CA TYR D 187 7.86 -1.63 14.18
C TYR D 187 9.11 -1.10 14.88
N LEU D 188 10.28 -1.39 14.33
CA LEU D 188 11.53 -0.88 14.92
C LEU D 188 11.57 0.65 14.86
N ALA D 189 11.09 1.25 13.77
CA ALA D 189 11.02 2.72 13.65
C ALA D 189 10.24 3.32 14.82
N TYR D 190 9.11 2.70 15.13
CA TYR D 190 8.29 3.06 16.26
C TYR D 190 9.07 2.95 17.58
N ASP D 191 9.78 1.83 17.77
CA ASP D 191 10.56 1.57 18.99
C ASP D 191 11.68 2.60 19.21
N ILE D 192 12.46 2.85 18.16
CA ILE D 192 13.73 3.58 18.31
C ILE D 192 13.61 5.10 18.17
N ALA D 193 12.48 5.56 17.63
CA ALA D 193 12.21 7.00 17.52
C ALA D 193 12.23 7.70 18.88
N LYS D 194 11.79 7.02 19.93
CA LYS D 194 11.80 7.66 21.26
C LYS D 194 13.22 7.82 21.81
N HIS D 195 14.19 7.17 21.16
CA HIS D 195 15.60 7.37 21.48
C HIS D 195 16.30 8.26 20.48
N GLY D 196 15.54 8.79 19.52
CA GLY D 196 16.09 9.75 18.55
C GLY D 196 16.63 9.18 17.26
N HIS D 197 16.38 7.88 17.02
CA HIS D 197 16.98 7.15 15.90
C HIS D 197 15.99 6.82 14.80
N ARG D 198 16.52 6.51 13.61
CA ARG D 198 15.72 6.20 12.43
C ARG D 198 16.16 4.87 11.82
N ILE D 199 15.24 4.21 11.14
CA ILE D 199 15.55 2.97 10.42
C ILE D 199 14.70 2.90 9.14
N ASN D 200 15.36 2.57 8.04
CA ASN D 200 14.71 2.52 6.73
C ASN D 200 15.23 1.33 5.93
N ALA D 201 14.51 0.96 4.88
CA ALA D 201 14.96 -0.10 3.98
C ALA D 201 15.15 0.42 2.56
N ILE D 202 16.17 -0.12 1.88
CA ILE D 202 16.33 0.08 0.45
C ILE D 202 15.88 -1.17 -0.28
N SER D 203 14.84 -1.05 -1.09
CA SER D 203 14.38 -2.15 -1.94
C SER D 203 15.17 -2.03 -3.24
N ALA D 204 16.18 -2.87 -3.38
CA ALA D 204 17.11 -2.79 -4.48
C ALA D 204 16.64 -3.65 -5.65
N GLY D 205 16.83 -3.15 -6.86
CA GLY D 205 16.59 -3.96 -8.06
C GLY D 205 17.72 -4.97 -8.17
N PRO D 206 17.67 -5.87 -9.18
CA PRO D 206 18.78 -6.80 -9.36
C PRO D 206 20.09 -6.04 -9.58
N VAL D 207 21.18 -6.62 -9.11
CA VAL D 207 22.45 -5.90 -9.05
C VAL D 207 23.40 -6.26 -10.21
N LYS D 208 23.98 -5.21 -10.80
CA LYS D 208 25.06 -5.28 -11.81
C LYS D 208 25.61 -6.67 -12.11
N PHE D 231 15.58 2.36 -18.73
CA PHE D 231 14.54 2.18 -17.73
C PHE D 231 14.77 0.91 -16.87
N GLY D 232 13.72 0.10 -16.67
CA GLY D 232 13.68 -0.93 -15.61
C GLY D 232 14.80 -1.96 -15.53
N LYS D 233 16.03 -1.47 -15.58
CA LYS D 233 17.22 -2.32 -15.74
C LYS D 233 17.97 -2.53 -14.44
N PRO D 234 18.88 -3.52 -14.41
CA PRO D 234 19.85 -3.68 -13.31
C PRO D 234 20.48 -2.37 -12.85
N ILE D 235 20.55 -2.23 -11.52
CA ILE D 235 21.21 -1.11 -10.87
C ILE D 235 22.63 -1.54 -10.47
N THR D 236 23.36 -0.63 -9.87
CA THR D 236 24.70 -0.90 -9.34
C THR D 236 24.72 -0.83 -7.82
N ILE D 237 25.78 -1.37 -7.21
CA ILE D 237 25.97 -1.29 -5.75
C ILE D 237 26.22 0.15 -5.31
N GLU D 238 26.69 0.97 -6.27
CA GLU D 238 26.89 2.40 -6.03
C GLU D 238 25.56 3.16 -5.92
N ASP D 239 24.57 2.75 -6.70
CA ASP D 239 23.20 3.28 -6.55
C ASP D 239 22.68 3.06 -5.13
N VAL D 240 22.84 1.84 -4.62
CA VAL D 240 22.47 1.51 -3.25
C VAL D 240 23.28 2.33 -2.25
N GLY D 241 24.59 2.38 -2.46
CA GLY D 241 25.50 3.09 -1.57
C GLY D 241 25.18 4.56 -1.40
N ASP D 242 24.93 5.26 -2.49
CA ASP D 242 24.63 6.69 -2.41
C ASP D 242 23.25 6.96 -1.79
N THR D 243 22.30 6.08 -2.07
CA THR D 243 21.00 6.14 -1.38
C THR D 243 21.14 5.86 0.13
N ALA D 244 21.96 4.87 0.48
CA ALA D 244 22.26 4.57 1.89
C ALA D 244 22.88 5.75 2.62
N VAL D 245 23.79 6.46 1.95
CA VAL D 245 24.41 7.62 2.56
C VAL D 245 23.33 8.65 2.92
N PHE D 246 22.45 8.94 1.97
CA PHE D 246 21.41 9.91 2.22
C PHE D 246 20.53 9.48 3.39
N LEU D 247 20.07 8.23 3.35
CA LEU D 247 19.14 7.74 4.36
C LEU D 247 19.79 7.65 5.72
N CYS D 248 21.11 7.49 5.75
CA CYS D 248 21.81 7.41 7.03
C CYS D 248 22.41 8.76 7.45
N SER D 249 22.13 9.80 6.66
CA SER D 249 22.60 11.16 6.96
C SER D 249 21.53 11.97 7.65
N ASP D 250 21.94 13.10 8.22
CA ASP D 250 20.98 14.04 8.83
C ASP D 250 20.05 14.72 7.81
N TRP D 251 20.37 14.67 6.52
CA TRP D 251 19.45 15.16 5.49
C TRP D 251 18.14 14.36 5.49
N ALA D 252 18.20 13.11 5.96
CA ALA D 252 17.03 12.24 5.98
C ALA D 252 16.36 12.18 7.35
N ARG D 253 16.59 13.22 8.16
CA ARG D 253 16.13 13.27 9.56
C ARG D 253 14.61 13.07 9.74
N ALA D 254 13.84 13.36 8.69
CA ALA D 254 12.39 13.22 8.74
C ALA D 254 11.87 11.92 8.11
N ILE D 255 12.78 11.02 7.74
CA ILE D 255 12.43 9.78 7.05
C ILE D 255 12.72 8.57 7.92
N THR D 256 11.66 7.85 8.25
CA THR D 256 11.80 6.64 9.07
C THR D 256 10.67 5.64 8.81
N GLY D 257 11.01 4.36 8.91
CA GLY D 257 10.06 3.27 8.58
C GLY D 257 9.69 3.21 7.10
N GLU D 258 10.55 3.79 6.27
CA GLU D 258 10.27 3.92 4.82
C GLU D 258 11.01 2.85 4.03
N VAL D 259 10.42 2.43 2.92
CA VAL D 259 11.06 1.55 1.96
C VAL D 259 11.27 2.38 0.69
N VAL D 260 12.53 2.61 0.33
CA VAL D 260 12.87 3.39 -0.85
C VAL D 260 13.32 2.45 -1.96
N HIS D 261 12.61 2.48 -3.10
CA HIS D 261 12.96 1.63 -4.25
C HIS D 261 14.13 2.23 -5.06
N VAL D 262 15.21 1.47 -5.18
CA VAL D 262 16.41 1.87 -5.93
C VAL D 262 16.50 0.78 -7.00
N ASP D 263 15.78 1.00 -8.09
CA ASP D 263 15.47 -0.11 -9.00
C ASP D 263 15.27 0.35 -10.45
N ASN D 264 15.73 1.56 -10.75
CA ASN D 264 15.49 2.18 -12.06
C ASN D 264 14.00 2.25 -12.46
N GLY D 265 13.14 2.30 -11.45
CA GLY D 265 11.70 2.46 -11.70
C GLY D 265 10.95 1.15 -11.93
N TYR D 266 11.60 0.01 -11.73
CA TYR D 266 10.94 -1.28 -11.98
C TYR D 266 9.59 -1.44 -11.26
N HIS D 267 9.55 -1.01 -10.00
CA HIS D 267 8.35 -1.12 -9.17
C HIS D 267 7.07 -0.48 -9.74
N ILE D 268 7.21 0.45 -10.68
CA ILE D 268 6.02 1.18 -11.16
C ILE D 268 5.20 0.38 -12.17
N MET D 269 5.83 -0.62 -12.76
CA MET D 269 5.29 -1.26 -13.95
C MET D 269 4.19 -2.26 -13.64
N GLY D 270 3.12 -2.21 -14.43
CA GLY D 270 1.99 -3.13 -14.28
C GLY D 270 1.96 -4.06 -15.47
N VAL D 271 2.91 -3.79 -16.37
CA VAL D 271 3.10 -4.44 -17.68
C VAL D 271 1.84 -5.03 -18.31
#